data_2ABI
#
_entry.id   2ABI
#
_cell.length_a   119.770
_cell.length_b   119.770
_cell.length_c   41.500
_cell.angle_alpha   90.00
_cell.angle_beta   90.00
_cell.angle_gamma   120.00
#
_symmetry.space_group_name_H-M   'P 31'
#
loop_
_entity.id
_entity.type
_entity.pdbx_description
1 polymer 'Mineralocorticoid receptor'
2 non-polymer DESOXYCORTICOSTERONE
3 water water
#
_entity_poly.entity_id   1
_entity_poly.type   'polypeptide(L)'
_entity_poly.pdbx_seq_one_letter_code
;GSSRALTPSPVMVLENIEPEIVYAGYDSSKPDTAENLLSTLNRLAGKQMIQVVKWAKVLPGFKNLPLEDQITLIQYSWMC
LSSFALSWRSYKHTNSQFLYFAPDLVFNEEKMHQSAMYELCQGMHQISLQFVRLQLTFEEYTIMKVLLLLSTIPKDGLKS
QAAFEEMRTNYIKELRKMVTKAPNNSGQSWQRFYQLTKLLDSMHDLVSDLLEFCFYTFRESHALKVEFPAMLVEIISDQL
PKVESGNAKPLYFHRK
;
_entity_poly.pdbx_strand_id   A,B,C
#
loop_
_chem_comp.id
_chem_comp.type
_chem_comp.name
_chem_comp.formula
1CA non-polymer DESOXYCORTICOSTERONE 'C21 H30 O3'
#
# COMPACT_ATOMS: atom_id res chain seq x y z
N SER A 9 22.15 -30.19 -11.39
CA SER A 9 21.64 -28.80 -11.30
C SER A 9 22.61 -27.86 -10.56
N PRO A 10 23.14 -28.28 -9.39
CA PRO A 10 24.08 -27.47 -8.60
C PRO A 10 25.21 -26.83 -9.39
N VAL A 11 25.72 -27.56 -10.38
CA VAL A 11 26.82 -27.07 -11.22
C VAL A 11 26.56 -25.67 -11.76
N MET A 12 25.37 -25.45 -12.31
CA MET A 12 25.01 -24.14 -12.87
C MET A 12 24.80 -23.05 -11.83
N VAL A 13 23.82 -23.21 -10.95
CA VAL A 13 23.53 -22.21 -9.93
C VAL A 13 24.80 -21.76 -9.20
N LEU A 14 25.66 -22.71 -8.86
CA LEU A 14 26.91 -22.40 -8.18
C LEU A 14 27.68 -21.39 -9.02
N GLU A 15 27.73 -21.65 -10.32
CA GLU A 15 28.45 -20.81 -11.27
C GLU A 15 27.81 -19.47 -11.56
N ASN A 16 26.50 -19.37 -11.33
CA ASN A 16 25.80 -18.13 -11.59
C ASN A 16 25.88 -17.18 -10.41
N ILE A 17 26.06 -17.74 -9.21
CA ILE A 17 26.13 -16.93 -8.00
C ILE A 17 27.52 -16.52 -7.53
N GLU A 18 28.51 -16.58 -8.42
CA GLU A 18 29.88 -16.21 -8.04
C GLU A 18 30.12 -14.69 -8.02
N PRO A 19 30.65 -14.17 -6.90
CA PRO A 19 30.98 -12.76 -6.63
C PRO A 19 31.77 -12.00 -7.70
N GLU A 20 31.89 -10.69 -7.49
CA GLU A 20 32.60 -9.81 -8.42
C GLU A 20 34.02 -9.43 -7.97
N ILE A 21 34.23 -8.16 -7.64
CA ILE A 21 35.56 -7.70 -7.24
C ILE A 21 35.54 -6.72 -6.05
N VAL A 22 36.55 -6.84 -5.19
CA VAL A 22 36.69 -5.99 -4.01
C VAL A 22 38.05 -5.29 -4.01
N TYR A 23 38.09 -4.07 -3.52
CA TYR A 23 39.33 -3.30 -3.45
C TYR A 23 39.85 -3.23 -2.02
N ALA A 24 41.12 -2.84 -1.88
CA ALA A 24 41.74 -2.74 -0.56
C ALA A 24 41.84 -1.28 -0.12
N GLY A 25 41.95 -0.38 -1.09
CA GLY A 25 42.07 1.02 -0.76
C GLY A 25 43.44 1.32 -0.19
N THR A 33 55.15 -0.66 5.76
CA THR A 33 55.47 -1.36 7.00
C THR A 33 54.42 -2.39 7.33
N ALA A 34 54.83 -3.41 8.08
CA ALA A 34 53.93 -4.48 8.49
C ALA A 34 52.61 -3.92 9.00
N GLU A 35 52.68 -2.97 9.91
CA GLU A 35 51.48 -2.37 10.49
C GLU A 35 50.50 -1.88 9.43
N ASN A 36 50.96 -1.06 8.50
CA ASN A 36 50.11 -0.52 7.45
C ASN A 36 49.56 -1.62 6.54
N LEU A 37 50.43 -2.49 6.04
CA LEU A 37 50.01 -3.59 5.18
C LEU A 37 49.00 -4.50 5.88
N LEU A 38 49.39 -5.01 7.05
CA LEU A 38 48.52 -5.90 7.81
C LEU A 38 47.16 -5.26 8.05
N SER A 39 47.15 -4.04 8.55
CA SER A 39 45.90 -3.34 8.81
C SER A 39 45.07 -3.23 7.53
N THR A 40 45.74 -2.96 6.41
CA THR A 40 45.05 -2.84 5.13
C THR A 40 44.43 -4.18 4.72
N LEU A 41 45.18 -5.26 4.89
CA LEU A 41 44.69 -6.59 4.55
C LEU A 41 43.47 -6.94 5.40
N ASN A 42 43.49 -6.55 6.67
CA ASN A 42 42.35 -6.82 7.54
C ASN A 42 41.14 -5.99 7.11
N ARG A 43 41.40 -4.88 6.42
CA ARG A 43 40.32 -4.04 5.94
C ARG A 43 39.70 -4.75 4.75
N LEU A 44 40.55 -5.14 3.81
CA LEU A 44 40.14 -5.85 2.62
C LEU A 44 39.34 -7.09 2.98
N ALA A 45 39.79 -7.76 4.03
CA ALA A 45 39.15 -8.98 4.50
C ALA A 45 37.72 -8.75 4.97
N GLY A 46 37.53 -7.68 5.74
CA GLY A 46 36.21 -7.35 6.24
C GLY A 46 35.20 -7.06 5.15
N LYS A 47 35.66 -6.40 4.08
CA LYS A 47 34.77 -6.09 2.97
C LYS A 47 34.49 -7.37 2.19
N GLN A 48 35.54 -8.15 1.94
CA GLN A 48 35.40 -9.40 1.21
C GLN A 48 34.35 -10.27 1.88
N MET A 49 34.33 -10.23 3.21
CA MET A 49 33.38 -11.05 3.96
C MET A 49 31.91 -10.88 3.63
N ILE A 50 31.48 -9.67 3.26
CA ILE A 50 30.08 -9.50 2.91
C ILE A 50 29.90 -10.25 1.59
N GLN A 51 30.91 -10.11 0.73
CA GLN A 51 30.93 -10.78 -0.56
C GLN A 51 30.78 -12.27 -0.28
N VAL A 52 31.49 -12.74 0.73
CA VAL A 52 31.42 -14.15 1.13
C VAL A 52 30.01 -14.55 1.54
N VAL A 53 29.37 -13.73 2.39
CA VAL A 53 28.03 -14.02 2.87
C VAL A 53 26.98 -14.02 1.74
N LYS A 54 27.13 -13.11 0.79
CA LYS A 54 26.20 -13.04 -0.32
C LYS A 54 26.25 -14.33 -1.14
N TRP A 55 27.46 -14.81 -1.36
CA TRP A 55 27.68 -16.03 -2.13
C TRP A 55 27.10 -17.25 -1.42
N ALA A 56 27.20 -17.27 -0.10
CA ALA A 56 26.71 -18.38 0.68
C ALA A 56 25.19 -18.46 0.81
N LYS A 57 24.55 -17.33 1.08
CA LYS A 57 23.09 -17.28 1.25
C LYS A 57 22.29 -17.96 0.14
N VAL A 58 22.80 -17.94 -1.08
CA VAL A 58 22.11 -18.55 -2.20
C VAL A 58 22.76 -19.85 -2.67
N LEU A 59 23.50 -20.50 -1.78
CA LEU A 59 24.16 -21.76 -2.12
C LEU A 59 23.22 -22.93 -1.95
N PRO A 60 23.07 -23.74 -3.01
CA PRO A 60 22.18 -24.91 -2.97
C PRO A 60 22.43 -25.75 -1.72
N GLY A 61 21.37 -26.27 -1.11
CA GLY A 61 21.50 -27.08 0.07
C GLY A 61 21.81 -26.29 1.32
N PHE A 62 22.93 -25.57 1.29
CA PHE A 62 23.41 -24.75 2.37
C PHE A 62 22.36 -23.74 2.87
N LYS A 63 21.73 -23.03 1.95
CA LYS A 63 20.74 -22.03 2.32
C LYS A 63 19.54 -22.56 3.09
N ASN A 64 19.31 -23.87 3.03
CA ASN A 64 18.17 -24.43 3.74
C ASN A 64 18.45 -24.82 5.19
N LEU A 65 19.72 -24.77 5.60
CA LEU A 65 20.06 -25.10 6.98
C LEU A 65 19.62 -23.94 7.86
N PRO A 66 19.36 -24.22 9.15
CA PRO A 66 18.93 -23.16 10.06
C PRO A 66 19.94 -22.03 10.02
N LEU A 67 19.46 -20.80 10.18
CA LEU A 67 20.29 -19.61 10.14
C LEU A 67 21.54 -19.80 11.01
N GLU A 68 21.35 -20.34 12.21
CA GLU A 68 22.45 -20.57 13.13
C GLU A 68 23.60 -21.39 12.51
N ASP A 69 23.25 -22.52 11.90
CA ASP A 69 24.27 -23.37 11.29
C ASP A 69 25.04 -22.64 10.20
N GLN A 70 24.38 -21.73 9.50
CA GLN A 70 25.05 -20.99 8.44
C GLN A 70 26.12 -20.05 9.01
N ILE A 71 25.80 -19.37 10.11
CA ILE A 71 26.74 -18.46 10.74
C ILE A 71 27.99 -19.21 11.17
N THR A 72 27.80 -20.30 11.91
CA THR A 72 28.90 -21.10 12.39
C THR A 72 29.78 -21.51 11.22
N LEU A 73 29.21 -22.26 10.27
CA LEU A 73 29.96 -22.71 9.11
C LEU A 73 30.81 -21.60 8.48
N ILE A 74 30.24 -20.39 8.39
CA ILE A 74 30.96 -19.26 7.79
C ILE A 74 32.15 -18.82 8.63
N GLN A 75 31.88 -18.44 9.88
CA GLN A 75 32.93 -18.00 10.79
C GLN A 75 34.02 -19.04 10.96
N TYR A 76 33.65 -20.32 10.88
CA TYR A 76 34.62 -21.40 11.02
C TYR A 76 35.44 -21.60 9.74
N SER A 77 35.01 -20.99 8.64
CA SER A 77 35.75 -21.16 7.40
C SER A 77 36.16 -19.88 6.68
N TRP A 78 35.86 -18.72 7.25
CA TRP A 78 36.20 -17.45 6.59
C TRP A 78 37.64 -17.36 6.10
N MET A 79 38.57 -17.97 6.83
CA MET A 79 39.99 -17.95 6.44
C MET A 79 40.28 -18.93 5.30
N CYS A 80 39.61 -20.08 5.32
CA CYS A 80 39.80 -21.06 4.26
C CYS A 80 39.31 -20.42 2.97
N LEU A 81 38.12 -19.81 3.03
CA LEU A 81 37.54 -19.17 1.86
C LEU A 81 38.33 -17.96 1.37
N SER A 82 38.88 -17.17 2.29
CA SER A 82 39.67 -16.01 1.87
C SER A 82 40.96 -16.48 1.21
N SER A 83 41.63 -17.42 1.85
CA SER A 83 42.87 -17.95 1.34
C SER A 83 42.73 -18.61 -0.03
N PHE A 84 41.74 -19.51 -0.17
CA PHE A 84 41.47 -20.26 -1.40
C PHE A 84 41.11 -19.32 -2.55
N ALA A 85 40.31 -18.30 -2.25
CA ALA A 85 39.88 -17.33 -3.24
C ALA A 85 41.06 -16.47 -3.71
N LEU A 86 41.95 -16.11 -2.79
CA LEU A 86 43.12 -15.31 -3.15
C LEU A 86 43.91 -16.09 -4.19
N SER A 87 44.08 -17.39 -3.96
CA SER A 87 44.81 -18.23 -4.90
C SER A 87 44.13 -18.19 -6.26
N TRP A 88 42.82 -18.40 -6.28
CA TRP A 88 42.10 -18.35 -7.54
C TRP A 88 42.45 -17.05 -8.25
N ARG A 89 42.26 -15.91 -7.57
CA ARG A 89 42.57 -14.60 -8.13
C ARG A 89 44.03 -14.49 -8.60
N SER A 90 44.96 -14.97 -7.79
CA SER A 90 46.37 -14.91 -8.15
C SER A 90 46.66 -15.74 -9.39
N TYR A 91 45.81 -16.73 -9.62
CA TYR A 91 45.93 -17.66 -10.74
C TYR A 91 45.26 -17.13 -12.02
N LYS A 92 44.09 -16.53 -11.87
CA LYS A 92 43.36 -16.01 -13.01
C LYS A 92 43.92 -14.68 -13.54
N HIS A 93 44.49 -13.87 -12.65
CA HIS A 93 45.01 -12.57 -13.04
C HIS A 93 46.52 -12.43 -13.24
N THR A 94 47.31 -13.37 -12.72
CA THR A 94 48.76 -13.24 -12.88
C THR A 94 49.48 -14.54 -13.22
N ASN A 95 48.74 -15.60 -13.54
CA ASN A 95 49.35 -16.88 -13.86
C ASN A 95 50.11 -17.37 -12.62
N SER A 96 49.58 -17.02 -11.45
CA SER A 96 50.16 -17.42 -10.17
C SER A 96 51.57 -16.92 -9.91
N GLN A 97 51.96 -15.82 -10.55
CA GLN A 97 53.31 -15.30 -10.34
C GLN A 97 53.33 -14.25 -9.24
N PHE A 98 52.15 -13.91 -8.74
CA PHE A 98 52.03 -12.92 -7.67
C PHE A 98 50.84 -13.29 -6.79
N LEU A 99 50.67 -12.53 -5.71
CA LEU A 99 49.56 -12.75 -4.79
C LEU A 99 48.61 -11.58 -5.01
N TYR A 100 47.59 -11.83 -5.82
CA TYR A 100 46.59 -10.84 -6.18
C TYR A 100 45.51 -10.67 -5.10
N PHE A 101 45.86 -9.99 -4.02
CA PHE A 101 44.91 -9.74 -2.93
C PHE A 101 43.74 -8.86 -3.36
N ALA A 102 44.02 -7.93 -4.27
CA ALA A 102 43.03 -7.01 -4.80
C ALA A 102 43.69 -6.23 -5.93
N PRO A 103 42.88 -5.71 -6.87
CA PRO A 103 43.38 -4.94 -8.02
C PRO A 103 44.36 -3.83 -7.64
N ASP A 104 44.17 -3.26 -6.46
CA ASP A 104 45.02 -2.18 -5.98
C ASP A 104 46.11 -2.68 -5.03
N LEU A 105 46.12 -3.99 -4.77
CA LEU A 105 47.12 -4.54 -3.86
C LEU A 105 47.60 -5.93 -4.26
N VAL A 106 48.58 -5.98 -5.15
CA VAL A 106 49.13 -7.26 -5.59
C VAL A 106 50.51 -7.39 -4.96
N PHE A 107 50.75 -8.49 -4.26
CA PHE A 107 52.04 -8.69 -3.59
C PHE A 107 53.16 -9.26 -4.43
N ASN A 108 54.30 -8.59 -4.33
CA ASN A 108 55.52 -8.94 -5.03
C ASN A 108 56.37 -9.72 -4.02
N GLU A 109 57.46 -10.32 -4.49
CA GLU A 109 58.32 -11.06 -3.57
C GLU A 109 58.67 -10.16 -2.38
N GLU A 110 58.87 -8.87 -2.67
CA GLU A 110 59.25 -7.89 -1.65
C GLU A 110 58.19 -7.61 -0.59
N LYS A 111 56.98 -7.25 -1.02
CA LYS A 111 55.90 -6.94 -0.09
C LYS A 111 55.59 -8.11 0.83
N MET A 112 55.94 -9.32 0.39
CA MET A 112 55.73 -10.50 1.21
C MET A 112 56.60 -10.29 2.45
N HIS A 113 57.87 -10.00 2.23
CA HIS A 113 58.80 -9.76 3.34
C HIS A 113 58.31 -8.52 4.10
N GLN A 114 58.07 -7.44 3.36
CA GLN A 114 57.60 -6.19 3.93
C GLN A 114 56.46 -6.39 4.94
N SER A 115 55.60 -7.37 4.67
CA SER A 115 54.43 -7.65 5.52
C SER A 115 54.72 -8.43 6.80
N ALA A 116 55.95 -8.92 6.96
CA ALA A 116 56.33 -9.69 8.13
C ALA A 116 55.41 -10.90 8.28
N MET A 117 54.96 -11.40 7.13
CA MET A 117 54.05 -12.53 7.07
C MET A 117 54.49 -13.41 5.90
N TYR A 118 55.76 -13.25 5.53
CA TYR A 118 56.40 -13.93 4.41
C TYR A 118 56.10 -15.40 4.13
N GLU A 119 56.42 -16.31 5.05
CA GLU A 119 56.17 -17.72 4.82
C GLU A 119 54.68 -18.06 4.69
N LEU A 120 53.84 -17.26 5.33
CA LEU A 120 52.39 -17.49 5.21
C LEU A 120 52.06 -17.11 3.78
N CYS A 121 52.71 -16.05 3.30
CA CYS A 121 52.49 -15.59 1.94
C CYS A 121 52.97 -16.65 0.97
N GLN A 122 54.12 -17.23 1.26
CA GLN A 122 54.66 -18.28 0.40
C GLN A 122 53.73 -19.48 0.44
N GLY A 123 53.05 -19.66 1.56
CA GLY A 123 52.11 -20.76 1.70
C GLY A 123 50.96 -20.63 0.73
N MET A 124 50.29 -19.48 0.75
CA MET A 124 49.16 -19.24 -0.13
C MET A 124 49.62 -19.25 -1.60
N HIS A 125 50.84 -18.75 -1.84
CA HIS A 125 51.40 -18.73 -3.18
C HIS A 125 51.58 -20.16 -3.72
N GLN A 126 52.05 -21.06 -2.87
CA GLN A 126 52.26 -22.45 -3.26
C GLN A 126 50.94 -23.13 -3.61
N ILE A 127 49.85 -22.61 -3.08
CA ILE A 127 48.55 -23.18 -3.39
C ILE A 127 48.24 -22.72 -4.80
N SER A 128 48.54 -21.45 -5.06
CA SER A 128 48.31 -20.83 -6.36
C SER A 128 49.10 -21.56 -7.42
N LEU A 129 50.27 -22.07 -7.02
CA LEU A 129 51.13 -22.80 -7.94
C LEU A 129 50.54 -24.17 -8.28
N GLN A 130 49.79 -24.75 -7.34
CA GLN A 130 49.17 -26.03 -7.61
C GLN A 130 48.05 -25.82 -8.63
N PHE A 131 47.25 -24.79 -8.44
CA PHE A 131 46.16 -24.45 -9.36
C PHE A 131 46.61 -24.45 -10.81
N VAL A 132 47.70 -23.73 -11.10
CA VAL A 132 48.21 -23.66 -12.47
C VAL A 132 48.85 -24.98 -12.90
N ARG A 133 49.53 -25.65 -11.98
CA ARG A 133 50.16 -26.93 -12.28
C ARG A 133 49.08 -27.96 -12.57
N LEU A 134 47.98 -27.88 -11.84
CA LEU A 134 46.85 -28.81 -12.01
C LEU A 134 45.89 -28.32 -13.07
N GLN A 135 46.09 -27.10 -13.53
CA GLN A 135 45.21 -26.49 -14.52
C GLN A 135 43.76 -26.55 -14.05
N LEU A 136 43.56 -26.08 -12.82
CA LEU A 136 42.26 -26.05 -12.18
C LEU A 136 41.26 -25.28 -13.02
N THR A 137 40.02 -25.77 -13.06
CA THR A 137 38.95 -25.12 -13.82
C THR A 137 37.99 -24.46 -12.85
N PHE A 138 37.25 -23.47 -13.34
CA PHE A 138 36.28 -22.72 -12.52
C PHE A 138 35.22 -23.63 -11.90
N GLU A 139 34.85 -24.70 -12.59
CA GLU A 139 33.86 -25.63 -12.08
C GLU A 139 34.39 -26.33 -10.84
N GLU A 140 35.61 -26.84 -10.95
CA GLU A 140 36.24 -27.54 -9.84
C GLU A 140 36.44 -26.59 -8.68
N TYR A 141 36.80 -25.35 -9.00
CA TYR A 141 37.04 -24.32 -7.98
C TYR A 141 35.77 -24.06 -7.17
N THR A 142 34.66 -23.86 -7.87
CA THR A 142 33.37 -23.60 -7.26
C THR A 142 32.98 -24.67 -6.25
N ILE A 143 33.08 -25.92 -6.67
CA ILE A 143 32.73 -27.05 -5.82
C ILE A 143 33.67 -27.18 -4.62
N MET A 144 34.96 -27.01 -4.85
CA MET A 144 35.93 -27.12 -3.76
C MET A 144 35.72 -25.99 -2.77
N LYS A 145 35.28 -24.84 -3.26
CA LYS A 145 35.02 -23.69 -2.40
C LYS A 145 33.91 -24.07 -1.43
N VAL A 146 32.85 -24.67 -1.98
CA VAL A 146 31.72 -25.11 -1.19
C VAL A 146 32.19 -26.10 -0.12
N LEU A 147 33.03 -27.04 -0.54
CA LEU A 147 33.55 -28.05 0.37
C LEU A 147 34.32 -27.43 1.53
N LEU A 148 35.12 -26.40 1.25
CA LEU A 148 35.87 -25.74 2.32
C LEU A 148 34.90 -25.06 3.28
N LEU A 149 33.76 -24.62 2.75
CA LEU A 149 32.75 -23.95 3.56
C LEU A 149 32.07 -24.95 4.47
N LEU A 150 32.20 -26.23 4.13
CA LEU A 150 31.58 -27.31 4.90
C LEU A 150 32.61 -28.25 5.54
N SER A 151 33.86 -27.81 5.66
CA SER A 151 34.88 -28.70 6.22
C SER A 151 35.27 -28.49 7.67
N THR A 152 34.81 -27.41 8.27
CA THR A 152 35.12 -27.14 9.67
C THR A 152 33.83 -27.02 10.45
N ILE A 153 33.66 -27.87 11.44
CA ILE A 153 32.46 -27.86 12.26
C ILE A 153 32.83 -28.03 13.73
N PRO A 154 31.92 -27.62 14.62
CA PRO A 154 32.18 -27.76 16.07
C PRO A 154 32.44 -29.22 16.40
N LYS A 155 33.31 -29.47 17.38
CA LYS A 155 33.65 -30.83 17.76
C LYS A 155 32.43 -31.71 18.04
N ASP A 156 31.38 -31.12 18.63
CA ASP A 156 30.19 -31.91 18.95
C ASP A 156 29.11 -31.91 17.86
N GLY A 157 29.33 -31.16 16.79
CA GLY A 157 28.37 -31.11 15.69
C GLY A 157 27.56 -29.84 15.53
N LEU A 158 26.52 -29.90 14.71
CA LEU A 158 25.63 -28.76 14.46
C LEU A 158 24.20 -29.16 14.78
N LYS A 159 23.29 -28.18 14.84
CA LYS A 159 21.90 -28.47 15.14
C LYS A 159 21.24 -29.44 14.16
N SER A 160 21.57 -29.33 12.87
CA SER A 160 20.99 -30.24 11.87
C SER A 160 22.14 -31.02 11.22
N GLN A 161 22.82 -31.82 12.04
CA GLN A 161 23.97 -32.60 11.61
C GLN A 161 23.72 -33.53 10.44
N ALA A 162 22.68 -34.34 10.55
CA ALA A 162 22.35 -35.29 9.49
C ALA A 162 22.10 -34.59 8.16
N ALA A 163 21.36 -33.48 8.19
CA ALA A 163 21.09 -32.74 6.96
C ALA A 163 22.42 -32.26 6.41
N PHE A 164 23.24 -31.71 7.30
CA PHE A 164 24.57 -31.20 6.96
C PHE A 164 25.43 -32.26 6.29
N GLU A 165 25.51 -33.45 6.89
CA GLU A 165 26.33 -34.51 6.35
C GLU A 165 25.87 -34.98 4.96
N GLU A 166 24.57 -35.22 4.81
CA GLU A 166 24.05 -35.66 3.53
C GLU A 166 24.41 -34.67 2.43
N MET A 167 24.18 -33.39 2.71
CA MET A 167 24.47 -32.32 1.77
C MET A 167 25.96 -32.30 1.40
N ARG A 168 26.82 -32.42 2.40
CA ARG A 168 28.27 -32.40 2.17
C ARG A 168 28.73 -33.57 1.30
N THR A 169 28.30 -34.78 1.65
CA THR A 169 28.70 -35.96 0.90
C THR A 169 28.21 -35.84 -0.54
N ASN A 170 27.11 -35.12 -0.74
CA ASN A 170 26.60 -34.93 -2.09
C ASN A 170 27.47 -33.98 -2.91
N TYR A 171 28.03 -32.96 -2.26
CA TYR A 171 28.90 -32.05 -2.98
C TYR A 171 30.19 -32.78 -3.32
N ILE A 172 30.54 -33.77 -2.51
CA ILE A 172 31.74 -34.56 -2.73
C ILE A 172 31.52 -35.43 -3.97
N LYS A 173 30.37 -36.11 -4.03
CA LYS A 173 30.01 -36.94 -5.17
C LYS A 173 29.95 -36.03 -6.41
N GLU A 174 29.51 -34.80 -6.19
CA GLU A 174 29.38 -33.82 -7.25
C GLU A 174 30.76 -33.50 -7.83
N LEU A 175 31.77 -33.46 -6.96
CA LEU A 175 33.13 -33.19 -7.40
C LEU A 175 33.66 -34.42 -8.14
N ARG A 176 33.14 -35.59 -7.80
CA ARG A 176 33.57 -36.83 -8.45
C ARG A 176 33.06 -36.82 -9.89
N LYS A 177 31.74 -36.77 -10.05
CA LYS A 177 31.14 -36.73 -11.38
C LYS A 177 31.88 -35.66 -12.17
N MET A 178 32.24 -34.60 -11.46
CA MET A 178 32.96 -33.48 -12.04
C MET A 178 34.30 -33.91 -12.64
N VAL A 179 35.14 -34.54 -11.84
CA VAL A 179 36.46 -34.96 -12.29
C VAL A 179 36.55 -36.27 -13.09
N THR A 180 35.71 -37.25 -12.78
CA THR A 180 35.75 -38.51 -13.51
C THR A 180 35.10 -38.35 -14.87
N TRP A 190 40.88 -40.80 -11.76
CA TRP A 190 40.57 -40.72 -10.35
C TRP A 190 41.74 -40.11 -9.59
N GLN A 191 42.79 -39.78 -10.32
CA GLN A 191 43.97 -39.16 -9.73
C GLN A 191 43.61 -37.69 -9.47
N ARG A 192 42.73 -37.19 -10.32
CA ARG A 192 42.24 -35.81 -10.27
C ARG A 192 41.52 -35.61 -8.94
N PHE A 193 40.47 -36.40 -8.69
CA PHE A 193 39.71 -36.31 -7.44
C PHE A 193 40.68 -36.39 -6.26
N TYR A 194 41.71 -37.21 -6.38
CA TYR A 194 42.68 -37.31 -5.30
C TYR A 194 43.49 -36.02 -5.19
N GLN A 195 44.06 -35.57 -6.30
CA GLN A 195 44.87 -34.35 -6.30
C GLN A 195 44.10 -33.15 -5.78
N LEU A 196 42.81 -33.09 -6.11
CA LEU A 196 41.98 -31.96 -5.69
C LEU A 196 41.58 -31.99 -4.22
N THR A 197 41.21 -33.16 -3.71
CA THR A 197 40.81 -33.28 -2.32
C THR A 197 42.00 -33.24 -1.36
N LYS A 198 43.18 -33.57 -1.87
CA LYS A 198 44.41 -33.55 -1.06
C LYS A 198 44.84 -32.10 -0.89
N LEU A 199 44.57 -31.29 -1.91
CA LEU A 199 44.90 -29.88 -1.87
C LEU A 199 44.03 -29.23 -0.79
N LEU A 200 42.78 -29.69 -0.67
CA LEU A 200 41.86 -29.15 0.33
C LEU A 200 42.30 -29.54 1.75
N ASP A 201 42.87 -30.72 1.88
CA ASP A 201 43.36 -31.17 3.17
C ASP A 201 44.50 -30.22 3.49
N SER A 202 45.34 -29.98 2.49
CA SER A 202 46.49 -29.09 2.59
C SER A 202 46.03 -27.72 3.08
N MET A 203 44.94 -27.22 2.50
CA MET A 203 44.40 -25.93 2.89
C MET A 203 44.23 -25.87 4.41
N HIS A 204 43.85 -26.99 5.00
CA HIS A 204 43.66 -27.05 6.45
C HIS A 204 44.93 -26.74 7.21
N ASP A 205 46.05 -27.22 6.70
CA ASP A 205 47.35 -27.01 7.33
C ASP A 205 47.79 -25.56 7.29
N LEU A 206 47.61 -24.93 6.14
CA LEU A 206 47.96 -23.54 5.90
C LEU A 206 47.06 -22.56 6.70
N VAL A 207 45.78 -22.91 6.80
CA VAL A 207 44.79 -22.10 7.50
C VAL A 207 44.99 -22.10 9.02
N SER A 208 45.58 -23.16 9.56
CA SER A 208 45.85 -23.24 11.00
C SER A 208 46.98 -22.28 11.34
N ASP A 209 47.96 -22.22 10.45
CA ASP A 209 49.10 -21.33 10.61
C ASP A 209 48.65 -19.87 10.53
N LEU A 210 47.81 -19.55 9.54
CA LEU A 210 47.29 -18.19 9.33
C LEU A 210 46.53 -17.71 10.55
N LEU A 211 45.63 -18.56 11.01
CA LEU A 211 44.81 -18.24 12.17
C LEU A 211 45.65 -18.01 13.43
N GLU A 212 46.78 -18.68 13.56
CA GLU A 212 47.61 -18.45 14.74
C GLU A 212 48.23 -17.06 14.67
N PHE A 213 48.66 -16.69 13.46
CA PHE A 213 49.27 -15.38 13.24
C PHE A 213 48.20 -14.31 13.40
N CYS A 214 46.96 -14.68 13.09
CA CYS A 214 45.81 -13.78 13.18
C CYS A 214 45.43 -13.57 14.63
N PHE A 215 45.29 -14.68 15.36
CA PHE A 215 44.94 -14.62 16.77
C PHE A 215 46.01 -13.84 17.52
N TYR A 216 47.25 -13.92 17.05
CA TYR A 216 48.34 -13.19 17.67
C TYR A 216 48.19 -11.69 17.43
N THR A 217 48.20 -11.29 16.16
CA THR A 217 48.08 -9.87 15.82
C THR A 217 46.79 -9.28 16.40
N PHE A 218 45.79 -10.13 16.59
CA PHE A 218 44.52 -9.70 17.16
C PHE A 218 44.73 -9.47 18.65
N ARG A 219 45.14 -10.52 19.35
CA ARG A 219 45.36 -10.43 20.79
C ARG A 219 46.25 -9.23 21.15
N GLU A 220 47.34 -9.03 20.42
CA GLU A 220 48.23 -7.90 20.69
C GLU A 220 48.14 -6.81 19.62
N SER A 221 46.91 -6.49 19.21
CA SER A 221 46.69 -5.49 18.18
C SER A 221 47.19 -4.10 18.59
N HIS A 222 46.97 -3.72 19.85
CA HIS A 222 47.40 -2.41 20.32
C HIS A 222 48.91 -2.29 20.47
N ALA A 223 49.59 -3.38 20.75
CA ALA A 223 51.03 -3.35 20.92
C ALA A 223 51.69 -3.27 19.56
N LEU A 224 51.12 -3.99 18.59
CA LEU A 224 51.66 -4.03 17.23
C LEU A 224 51.08 -2.92 16.38
N LYS A 225 49.94 -2.39 16.80
CA LYS A 225 49.25 -1.33 16.06
C LYS A 225 48.52 -1.89 14.85
N VAL A 226 48.06 -3.13 14.95
CA VAL A 226 47.32 -3.77 13.87
C VAL A 226 45.82 -3.56 14.07
N GLU A 227 45.15 -3.04 13.05
CA GLU A 227 43.71 -2.78 13.14
C GLU A 227 42.83 -3.87 12.57
N PHE A 228 41.59 -3.92 13.05
CA PHE A 228 40.59 -4.88 12.60
C PHE A 228 39.25 -4.14 12.50
N PRO A 229 38.58 -4.22 11.34
CA PRO A 229 37.29 -3.56 11.10
C PRO A 229 36.29 -3.58 12.26
N ALA A 230 35.48 -4.63 12.30
CA ALA A 230 34.47 -4.79 13.33
C ALA A 230 33.75 -6.09 12.99
N MET A 231 33.72 -6.41 11.70
CA MET A 231 33.12 -7.64 11.22
C MET A 231 34.11 -8.71 11.64
N LEU A 232 35.39 -8.42 11.43
CA LEU A 232 36.47 -9.35 11.77
C LEU A 232 36.59 -9.47 13.28
N VAL A 233 36.37 -8.35 13.97
CA VAL A 233 36.46 -8.34 15.43
C VAL A 233 35.40 -9.25 16.03
N GLU A 234 34.26 -9.38 15.36
CA GLU A 234 33.20 -10.23 15.86
C GLU A 234 33.31 -11.67 15.39
N ILE A 235 34.11 -11.90 14.37
CA ILE A 235 34.31 -13.25 13.84
C ILE A 235 35.40 -13.92 14.66
N ILE A 236 36.51 -13.21 14.82
CA ILE A 236 37.67 -13.68 15.56
C ILE A 236 37.39 -13.80 17.06
N SER A 237 36.53 -12.93 17.58
CA SER A 237 36.21 -12.95 19.00
C SER A 237 35.53 -14.24 19.47
N ASP A 238 34.82 -14.92 18.59
CA ASP A 238 34.19 -16.18 18.95
C ASP A 238 35.15 -17.30 18.60
N GLN A 239 35.80 -17.13 17.44
CA GLN A 239 36.75 -18.09 16.90
C GLN A 239 37.83 -18.66 17.80
N LEU A 240 38.89 -17.90 18.06
CA LEU A 240 40.01 -18.41 18.84
C LEU A 240 39.71 -19.03 20.20
N PRO A 241 38.77 -18.45 20.98
CA PRO A 241 38.50 -19.09 22.27
C PRO A 241 38.19 -20.57 22.07
N LYS A 242 37.41 -20.88 21.04
CA LYS A 242 37.02 -22.25 20.76
C LYS A 242 37.97 -23.00 19.81
N VAL A 243 38.81 -22.28 19.10
CA VAL A 243 39.77 -22.91 18.18
C VAL A 243 41.02 -23.32 18.94
N GLU A 244 41.49 -22.48 19.86
CA GLU A 244 42.67 -22.83 20.62
C GLU A 244 42.27 -23.90 21.64
N SER A 245 40.96 -24.12 21.78
CA SER A 245 40.43 -25.11 22.70
C SER A 245 40.29 -26.49 22.06
N GLY A 246 40.46 -26.54 20.74
CA GLY A 246 40.36 -27.82 20.04
C GLY A 246 38.93 -28.17 19.66
N ASN A 247 38.03 -27.19 19.78
CA ASN A 247 36.62 -27.40 19.44
C ASN A 247 36.32 -27.37 17.95
N ALA A 248 37.14 -26.64 17.19
CA ALA A 248 36.96 -26.55 15.74
C ALA A 248 37.54 -27.79 15.08
N LYS A 249 36.69 -28.79 14.84
CA LYS A 249 37.12 -30.03 14.23
C LYS A 249 37.24 -29.97 12.71
N PRO A 250 38.48 -29.98 12.19
CA PRO A 250 38.68 -29.93 10.74
C PRO A 250 38.36 -31.30 10.14
N LEU A 251 37.71 -31.30 8.98
CA LEU A 251 37.35 -32.52 8.28
C LEU A 251 38.37 -32.80 7.19
N TYR A 252 38.98 -33.98 7.22
CA TYR A 252 40.00 -34.38 6.25
C TYR A 252 39.50 -35.48 5.32
N PHE A 253 39.93 -35.42 4.07
CA PHE A 253 39.55 -36.43 3.08
C PHE A 253 40.49 -37.64 3.08
N HIS A 254 41.75 -37.41 3.44
CA HIS A 254 42.73 -38.48 3.49
C HIS A 254 43.49 -38.52 4.82
N SER B 9 -18.69 31.00 -3.11
CA SER B 9 -17.55 31.27 -4.02
C SER B 9 -16.48 32.12 -3.33
N PRO B 10 -15.69 31.51 -2.43
CA PRO B 10 -14.63 32.17 -1.68
C PRO B 10 -13.52 32.81 -2.52
N VAL B 11 -13.01 32.06 -3.49
CA VAL B 11 -11.91 32.53 -4.35
C VAL B 11 -12.12 33.91 -4.94
N MET B 12 -13.23 34.09 -5.63
CA MET B 12 -13.55 35.36 -6.27
C MET B 12 -13.70 36.50 -5.25
N VAL B 13 -14.42 36.23 -4.17
CA VAL B 13 -14.64 37.24 -3.12
C VAL B 13 -13.33 37.75 -2.54
N LEU B 14 -12.46 36.82 -2.19
CA LEU B 14 -11.16 37.15 -1.61
C LEU B 14 -10.42 38.13 -2.49
N GLU B 15 -10.51 37.95 -3.80
CA GLU B 15 -9.84 38.83 -4.74
C GLU B 15 -10.48 40.21 -4.89
N ASN B 16 -11.77 40.28 -4.61
CA ASN B 16 -12.49 41.55 -4.71
C ASN B 16 -12.27 42.37 -3.45
N ILE B 17 -12.28 41.70 -2.32
CA ILE B 17 -12.11 42.37 -1.03
C ILE B 17 -10.68 42.69 -0.62
N GLU B 18 -9.71 42.29 -1.43
CA GLU B 18 -8.32 42.55 -1.08
C GLU B 18 -8.03 44.05 -0.96
N PRO B 19 -7.59 44.49 0.23
CA PRO B 19 -7.26 45.89 0.56
C PRO B 19 -6.38 46.62 -0.45
N GLU B 20 -6.35 47.94 -0.31
CA GLU B 20 -5.55 48.80 -1.18
C GLU B 20 -4.30 49.20 -0.43
N ILE B 21 -3.28 49.65 -1.15
CA ILE B 21 -2.03 50.08 -0.53
C ILE B 21 -2.18 51.49 0.03
N VAL B 22 -1.69 51.70 1.25
CA VAL B 22 -1.76 53.00 1.92
C VAL B 22 -0.39 53.61 2.14
N TYR B 23 -0.35 54.94 2.22
CA TYR B 23 0.89 55.67 2.44
C TYR B 23 1.21 55.67 3.94
N ALA B 24 2.50 55.65 4.25
CA ALA B 24 2.94 55.65 5.64
C ALA B 24 3.08 57.07 6.16
N GLY B 25 2.97 58.04 5.26
CA GLY B 25 3.13 59.43 5.68
C GLY B 25 4.56 59.64 6.12
N TYR B 26 5.50 59.28 5.24
CA TYR B 26 6.92 59.43 5.51
C TYR B 26 7.35 60.87 5.24
N ASP B 27 8.24 61.40 6.07
CA ASP B 27 8.71 62.76 5.91
C ASP B 27 10.18 62.87 6.28
N ASP B 32 17.16 60.49 8.98
CA ASP B 32 16.16 59.57 9.52
C ASP B 32 16.75 58.55 10.49
N THR B 33 16.49 58.79 11.77
CA THR B 33 16.98 57.96 12.86
C THR B 33 16.08 56.76 13.09
N ALA B 34 16.44 55.95 14.09
CA ALA B 34 15.68 54.76 14.44
C ALA B 34 14.36 55.14 15.09
N GLU B 35 14.38 56.18 15.91
CA GLU B 35 13.19 56.63 16.60
C GLU B 35 12.13 57.06 15.58
N ASN B 36 12.57 57.74 14.53
CA ASN B 36 11.68 58.23 13.47
C ASN B 36 11.21 57.12 12.54
N LEU B 37 12.13 56.24 12.14
CA LEU B 37 11.81 55.13 11.27
C LEU B 37 10.76 54.24 11.92
N LEU B 38 11.10 53.73 13.11
CA LEU B 38 10.22 52.85 13.85
C LEU B 38 8.84 53.45 14.10
N SER B 39 8.77 54.74 14.47
CA SER B 39 7.48 55.37 14.72
C SER B 39 6.66 55.50 13.44
N THR B 40 7.33 55.75 12.32
CA THR B 40 6.64 55.89 11.04
C THR B 40 6.00 54.55 10.65
N LEU B 41 6.69 53.45 10.97
CA LEU B 41 6.20 52.11 10.66
C LEU B 41 5.00 51.78 11.54
N ASN B 42 5.05 52.20 12.80
CA ASN B 42 3.93 51.95 13.70
C ASN B 42 2.75 52.77 13.18
N ARG B 43 3.02 53.97 12.68
CA ARG B 43 1.97 54.82 12.11
C ARG B 43 1.38 54.08 10.92
N LEU B 44 2.26 53.71 9.98
CA LEU B 44 1.85 52.98 8.79
C LEU B 44 1.03 51.75 9.15
N ALA B 45 1.40 51.07 10.23
CA ALA B 45 0.68 49.88 10.65
C ALA B 45 -0.74 50.24 11.08
N GLY B 46 -0.83 51.24 11.95
CA GLY B 46 -2.13 51.68 12.42
C GLY B 46 -3.04 51.99 11.26
N LYS B 47 -2.48 52.65 10.25
CA LYS B 47 -3.25 53.00 9.06
C LYS B 47 -3.61 51.73 8.28
N GLN B 48 -2.67 50.80 8.21
CA GLN B 48 -2.89 49.54 7.50
C GLN B 48 -3.96 48.70 8.18
N MET B 49 -4.01 48.74 9.50
CA MET B 49 -5.00 47.96 10.21
C MET B 49 -6.42 48.36 9.87
N ILE B 50 -6.60 49.56 9.31
CA ILE B 50 -7.94 50.00 8.92
C ILE B 50 -8.37 49.08 7.80
N GLN B 51 -7.47 48.87 6.84
CA GLN B 51 -7.73 48.01 5.71
C GLN B 51 -8.03 46.61 6.23
N VAL B 52 -7.17 46.13 7.14
CA VAL B 52 -7.33 44.78 7.71
C VAL B 52 -8.71 44.51 8.29
N VAL B 53 -9.22 45.42 9.12
CA VAL B 53 -10.53 45.28 9.73
C VAL B 53 -11.61 45.31 8.63
N LYS B 54 -11.46 46.23 7.68
CA LYS B 54 -12.39 46.39 6.58
C LYS B 54 -12.42 45.15 5.69
N TRP B 55 -11.29 44.46 5.61
CA TRP B 55 -11.16 43.27 4.81
C TRP B 55 -11.78 42.07 5.53
N ALA B 56 -11.49 41.97 6.82
CA ALA B 56 -11.99 40.87 7.64
C ALA B 56 -13.51 40.86 7.83
N LYS B 57 -14.10 42.05 7.92
CA LYS B 57 -15.54 42.15 8.12
C LYS B 57 -16.39 41.56 6.99
N VAL B 58 -15.81 41.44 5.80
CA VAL B 58 -16.56 40.89 4.67
C VAL B 58 -15.95 39.59 4.17
N LEU B 59 -15.30 38.87 5.07
CA LEU B 59 -14.68 37.59 4.73
C LEU B 59 -15.71 36.49 4.95
N PRO B 60 -15.87 35.60 3.95
CA PRO B 60 -16.86 34.51 4.07
C PRO B 60 -16.57 33.64 5.29
N GLY B 61 -17.64 33.23 5.99
CA GLY B 61 -17.48 32.41 7.18
C GLY B 61 -17.11 33.23 8.40
N PHE B 62 -15.88 33.75 8.39
CA PHE B 62 -15.32 34.56 9.46
C PHE B 62 -16.27 35.66 9.93
N LYS B 63 -16.82 36.40 8.97
CA LYS B 63 -17.73 37.49 9.28
C LYS B 63 -18.98 37.01 10.02
N ASN B 64 -19.19 35.69 10.08
CA ASN B 64 -20.35 35.16 10.77
C ASN B 64 -20.08 34.61 12.16
N LEU B 65 -18.85 34.74 12.63
CA LEU B 65 -18.52 34.28 13.99
C LEU B 65 -18.97 35.43 14.88
N PRO B 66 -19.08 35.19 16.20
CA PRO B 66 -19.50 36.31 17.04
C PRO B 66 -18.46 37.42 16.89
N LEU B 67 -18.88 38.66 17.12
CA LEU B 67 -17.99 39.81 17.00
C LEU B 67 -16.74 39.61 17.84
N GLU B 68 -16.94 39.14 19.07
CA GLU B 68 -15.84 38.89 19.99
C GLU B 68 -14.79 37.99 19.37
N ASP B 69 -15.23 36.89 18.75
CA ASP B 69 -14.28 35.96 18.14
C ASP B 69 -13.47 36.60 17.03
N GLN B 70 -14.13 37.34 16.16
CA GLN B 70 -13.45 38.00 15.08
C GLN B 70 -12.32 38.87 15.61
N ILE B 71 -12.64 39.71 16.59
CA ILE B 71 -11.69 40.61 17.21
C ILE B 71 -10.50 39.90 17.83
N THR B 72 -10.75 38.82 18.55
CA THR B 72 -9.65 38.09 19.18
C THR B 72 -8.71 37.54 18.10
N LEU B 73 -9.28 37.02 17.02
CA LEU B 73 -8.48 36.45 15.94
C LEU B 73 -7.59 37.48 15.24
N ILE B 74 -8.09 38.70 15.07
CA ILE B 74 -7.34 39.76 14.42
C ILE B 74 -6.20 40.23 15.34
N GLN B 75 -6.48 40.34 16.63
CA GLN B 75 -5.44 40.77 17.56
C GLN B 75 -4.36 39.70 17.64
N TYR B 76 -4.77 38.44 17.51
CA TYR B 76 -3.84 37.32 17.56
C TYR B 76 -2.95 37.20 16.34
N SER B 77 -3.44 37.63 15.19
CA SER B 77 -2.65 37.50 13.98
C SER B 77 -2.36 38.79 13.24
N TRP B 78 -2.61 39.93 13.86
CA TRP B 78 -2.35 41.20 13.19
C TRP B 78 -0.92 41.27 12.67
N MET B 79 0.03 40.71 13.40
CA MET B 79 1.42 40.76 12.93
C MET B 79 1.66 39.86 11.75
N CYS B 80 1.07 38.66 11.76
CA CYS B 80 1.22 37.71 10.66
C CYS B 80 0.74 38.37 9.37
N LEU B 81 -0.49 38.87 9.41
CA LEU B 81 -1.12 39.53 8.28
C LEU B 81 -0.24 40.65 7.73
N SER B 82 0.32 41.45 8.64
CA SER B 82 1.16 42.57 8.24
C SER B 82 2.45 42.12 7.58
N SER B 83 3.04 41.06 8.13
CA SER B 83 4.29 40.51 7.63
C SER B 83 4.13 39.87 6.26
N PHE B 84 3.10 39.03 6.14
CA PHE B 84 2.80 38.30 4.92
C PHE B 84 2.45 39.24 3.76
N ALA B 85 1.71 40.29 4.06
CA ALA B 85 1.32 41.26 3.05
C ALA B 85 2.52 42.09 2.65
N LEU B 86 3.43 42.28 3.60
CA LEU B 86 4.64 43.04 3.34
C LEU B 86 5.42 42.28 2.28
N SER B 87 5.62 41.00 2.54
CA SER B 87 6.34 40.15 1.60
C SER B 87 5.62 40.12 0.26
N TRP B 88 4.29 40.08 0.27
CA TRP B 88 3.57 40.06 -1.01
C TRP B 88 3.93 41.29 -1.82
N ARG B 89 3.70 42.47 -1.25
CA ARG B 89 4.02 43.73 -1.91
C ARG B 89 5.49 43.78 -2.30
N SER B 90 6.36 43.31 -1.41
CA SER B 90 7.79 43.31 -1.67
C SER B 90 8.13 42.37 -2.83
N TYR B 91 7.26 41.38 -3.04
CA TYR B 91 7.41 40.37 -4.10
C TYR B 91 6.85 40.88 -5.42
N LYS B 92 5.69 41.51 -5.35
CA LYS B 92 5.04 42.03 -6.55
C LYS B 92 5.68 43.31 -7.08
N HIS B 93 6.24 44.13 -6.20
CA HIS B 93 6.81 45.40 -6.65
C HIS B 93 8.32 45.52 -6.80
N THR B 94 9.09 44.70 -6.09
CA THR B 94 10.54 44.79 -6.19
C THR B 94 11.19 43.45 -6.43
N ASN B 95 10.39 42.45 -6.78
CA ASN B 95 10.91 41.11 -7.01
C ASN B 95 11.62 40.61 -5.75
N SER B 96 11.05 40.95 -4.59
CA SER B 96 11.57 40.55 -3.28
C SER B 96 12.95 41.12 -2.97
N GLN B 97 13.42 42.05 -3.80
CA GLN B 97 14.73 42.63 -3.56
C GLN B 97 14.76 43.70 -2.48
N PHE B 98 13.60 44.22 -2.11
CA PHE B 98 13.56 45.25 -1.07
C PHE B 98 12.34 45.06 -0.18
N LEU B 99 12.31 45.77 0.95
CA LEU B 99 11.18 45.68 1.86
C LEU B 99 10.22 46.79 1.43
N TYR B 100 9.06 46.39 0.92
CA TYR B 100 8.04 47.32 0.44
C TYR B 100 6.94 47.63 1.45
N PHE B 101 7.27 48.33 2.53
CA PHE B 101 6.26 48.65 3.54
C PHE B 101 5.14 49.50 2.95
N ALA B 102 5.51 50.62 2.33
CA ALA B 102 4.57 51.53 1.70
C ALA B 102 5.23 52.13 0.46
N PRO B 103 4.45 52.83 -0.38
CA PRO B 103 4.99 53.44 -1.60
C PRO B 103 6.05 54.49 -1.29
N ASP B 104 5.82 55.23 -0.21
CA ASP B 104 6.73 56.27 0.25
C ASP B 104 7.70 55.69 1.28
N LEU B 105 7.98 54.40 1.21
CA LEU B 105 8.90 53.79 2.19
C LEU B 105 9.39 52.39 1.84
N VAL B 106 10.41 52.32 0.98
CA VAL B 106 10.99 51.05 0.58
C VAL B 106 12.32 50.89 1.30
N PHE B 107 12.56 49.72 1.87
CA PHE B 107 13.79 49.45 2.62
C PHE B 107 14.83 48.60 1.90
N ASN B 108 16.07 49.10 1.89
CA ASN B 108 17.20 48.38 1.32
C ASN B 108 18.08 47.95 2.50
N GLU B 109 19.17 47.23 2.23
CA GLU B 109 20.04 46.78 3.31
C GLU B 109 20.45 47.94 4.22
N GLU B 110 20.57 49.13 3.63
CA GLU B 110 20.96 50.32 4.36
C GLU B 110 19.93 50.67 5.43
N LYS B 111 18.77 51.15 5.00
CA LYS B 111 17.70 51.53 5.90
C LYS B 111 17.42 50.42 6.91
N MET B 112 17.66 49.18 6.50
CA MET B 112 17.44 48.03 7.38
C MET B 112 18.29 48.17 8.64
N HIS B 113 19.49 48.75 8.48
CA HIS B 113 20.38 48.95 9.60
C HIS B 113 19.92 50.13 10.47
N GLN B 114 19.58 51.25 9.84
CA GLN B 114 19.14 52.44 10.57
C GLN B 114 17.91 52.22 11.45
N SER B 115 17.04 51.32 11.01
CA SER B 115 15.82 51.00 11.74
C SER B 115 16.11 50.36 13.10
N ALA B 116 17.34 49.92 13.30
CA ALA B 116 17.72 49.23 14.54
C ALA B 116 16.80 48.01 14.60
N MET B 117 16.59 47.41 13.44
CA MET B 117 15.71 46.25 13.31
C MET B 117 16.20 45.37 12.16
N TYR B 118 17.49 45.50 11.86
CA TYR B 118 18.10 44.75 10.76
C TYR B 118 17.79 43.27 10.68
N GLU B 119 17.92 42.54 11.78
CA GLU B 119 17.67 41.10 11.82
C GLU B 119 16.23 40.71 11.54
N LEU B 120 15.28 41.51 12.02
CA LEU B 120 13.89 41.19 11.79
C LEU B 120 13.54 41.48 10.32
N CYS B 121 14.16 42.50 9.75
CA CYS B 121 13.93 42.84 8.35
C CYS B 121 14.43 41.72 7.44
N GLN B 122 15.57 41.15 7.80
CA GLN B 122 16.14 40.06 7.00
C GLN B 122 15.23 38.83 7.03
N GLY B 123 14.60 38.60 8.18
CA GLY B 123 13.70 37.47 8.32
C GLY B 123 12.45 37.64 7.47
N MET B 124 11.94 38.86 7.41
CA MET B 124 10.76 39.14 6.61
C MET B 124 11.15 39.06 5.15
N HIS B 125 12.29 39.67 4.82
CA HIS B 125 12.81 39.64 3.47
C HIS B 125 12.99 38.20 3.00
N GLN B 126 13.24 37.30 3.95
CA GLN B 126 13.42 35.88 3.66
C GLN B 126 12.12 35.20 3.30
N ILE B 127 11.02 35.77 3.77
CA ILE B 127 9.69 35.25 3.45
C ILE B 127 9.43 35.66 2.01
N SER B 128 9.90 36.86 1.67
CA SER B 128 9.74 37.42 0.33
C SER B 128 10.46 36.60 -0.72
N LEU B 129 11.66 36.13 -0.39
CA LEU B 129 12.44 35.32 -1.31
C LEU B 129 11.75 33.98 -1.55
N GLN B 130 11.00 33.53 -0.55
CA GLN B 130 10.27 32.28 -0.65
C GLN B 130 9.09 32.38 -1.62
N PHE B 131 8.57 33.59 -1.81
CA PHE B 131 7.47 33.84 -2.73
C PHE B 131 8.02 33.67 -4.14
N VAL B 132 9.24 34.15 -4.33
CA VAL B 132 9.94 34.08 -5.61
C VAL B 132 10.17 32.61 -5.97
N ARG B 133 10.95 31.95 -5.12
CA ARG B 133 11.30 30.55 -5.30
C ARG B 133 10.09 29.66 -5.59
N LEU B 134 8.97 29.94 -4.93
CA LEU B 134 7.75 29.16 -5.12
C LEU B 134 6.86 29.76 -6.20
N GLN B 135 7.29 30.92 -6.72
CA GLN B 135 6.51 31.58 -7.75
C GLN B 135 5.07 31.69 -7.25
N LEU B 136 4.91 32.27 -6.07
CA LEU B 136 3.61 32.43 -5.44
C LEU B 136 2.59 33.26 -6.24
N THR B 137 1.40 32.69 -6.45
CA THR B 137 0.36 33.37 -7.19
C THR B 137 -0.56 34.14 -6.24
N PHE B 138 -1.45 34.93 -6.81
CA PHE B 138 -2.39 35.73 -6.04
C PHE B 138 -3.49 34.89 -5.38
N GLU B 139 -4.08 33.95 -6.12
CA GLU B 139 -5.13 33.11 -5.57
C GLU B 139 -4.57 32.36 -4.34
N GLU B 140 -3.30 31.97 -4.42
CA GLU B 140 -2.66 31.27 -3.31
C GLU B 140 -2.39 32.19 -2.13
N TYR B 141 -1.95 33.42 -2.44
CA TYR B 141 -1.64 34.40 -1.41
C TYR B 141 -2.84 34.87 -0.61
N THR B 142 -3.98 35.03 -1.28
CA THR B 142 -5.19 35.47 -0.61
C THR B 142 -5.71 34.45 0.39
N ILE B 143 -5.72 33.18 0.01
CA ILE B 143 -6.22 32.13 0.89
C ILE B 143 -5.29 31.92 2.08
N MET B 144 -3.99 32.03 1.84
CA MET B 144 -3.01 31.85 2.89
C MET B 144 -3.20 32.96 3.91
N LYS B 145 -3.61 34.13 3.46
CA LYS B 145 -3.83 35.24 4.37
C LYS B 145 -4.96 34.89 5.32
N VAL B 146 -6.05 34.37 4.76
CA VAL B 146 -7.18 33.97 5.57
C VAL B 146 -6.71 32.93 6.58
N LEU B 147 -5.94 31.96 6.09
CA LEU B 147 -5.41 30.91 6.93
C LEU B 147 -4.64 31.48 8.11
N LEU B 148 -3.70 32.39 7.86
CA LEU B 148 -2.90 32.99 8.93
C LEU B 148 -3.79 33.71 9.93
N LEU B 149 -4.92 34.22 9.44
CA LEU B 149 -5.89 34.90 10.27
C LEU B 149 -6.50 33.91 11.25
N LEU B 150 -6.47 32.63 10.87
CA LEU B 150 -7.05 31.53 11.64
C LEU B 150 -6.01 30.61 12.26
N SER B 151 -4.76 31.06 12.34
CA SER B 151 -3.66 30.24 12.83
C SER B 151 -3.40 30.20 14.33
N THR B 152 -3.98 31.13 15.09
CA THR B 152 -3.75 31.18 16.52
C THR B 152 -5.03 31.37 17.33
N ILE B 153 -5.31 30.45 18.23
CA ILE B 153 -6.50 30.56 19.06
C ILE B 153 -6.18 30.45 20.55
N PRO B 154 -7.14 30.83 21.41
CA PRO B 154 -6.90 30.74 22.85
C PRO B 154 -6.62 29.28 23.23
N LYS B 155 -5.73 29.06 24.20
CA LYS B 155 -5.34 27.71 24.65
C LYS B 155 -6.49 26.72 24.77
N ASP B 156 -7.63 27.16 25.30
CA ASP B 156 -8.77 26.28 25.46
C ASP B 156 -9.79 26.41 24.34
N GLY B 157 -9.48 27.25 23.36
CA GLY B 157 -10.37 27.41 22.23
C GLY B 157 -11.27 28.64 22.24
N LEU B 158 -12.35 28.56 21.45
CA LEU B 158 -13.32 29.62 21.29
C LEU B 158 -14.72 29.18 21.68
N LYS B 159 -15.60 30.15 21.90
CA LYS B 159 -16.99 29.85 22.24
C LYS B 159 -17.60 29.04 21.10
N SER B 160 -17.22 29.39 19.88
CA SER B 160 -17.71 28.71 18.69
C SER B 160 -16.59 27.93 18.01
N GLN B 161 -15.96 27.04 18.78
CA GLN B 161 -14.87 26.22 18.29
C GLN B 161 -15.29 25.44 17.05
N ALA B 162 -16.40 24.71 17.17
CA ALA B 162 -16.91 23.91 16.07
C ALA B 162 -17.08 24.70 14.78
N ALA B 163 -17.71 25.87 14.86
CA ALA B 163 -17.92 26.71 13.69
C ALA B 163 -16.58 27.11 13.08
N PHE B 164 -15.62 27.42 13.94
CA PHE B 164 -14.29 27.83 13.51
C PHE B 164 -13.59 26.70 12.73
N GLU B 165 -13.55 25.50 13.30
CA GLU B 165 -12.90 24.37 12.66
C GLU B 165 -13.41 24.10 11.24
N GLU B 166 -14.73 24.02 11.10
CA GLU B 166 -15.31 23.77 9.79
C GLU B 166 -14.85 24.89 8.84
N MET B 167 -14.91 26.12 9.34
CA MET B 167 -14.47 27.28 8.56
C MET B 167 -12.99 27.18 8.17
N ARG B 168 -12.14 26.81 9.12
CA ARG B 168 -10.72 26.70 8.85
C ARG B 168 -10.49 25.52 7.91
N THR B 169 -11.25 24.45 8.12
CA THR B 169 -11.14 23.26 7.29
C THR B 169 -11.53 23.55 5.84
N ASN B 170 -12.50 24.46 5.67
CA ASN B 170 -12.95 24.80 4.32
C ASN B 170 -11.93 25.62 3.54
N TYR B 171 -11.31 26.60 4.20
CA TYR B 171 -10.30 27.39 3.51
C TYR B 171 -9.10 26.52 3.19
N ILE B 172 -8.78 25.59 4.09
CA ILE B 172 -7.67 24.69 3.86
C ILE B 172 -7.93 23.95 2.55
N LYS B 173 -9.14 23.40 2.43
CA LYS B 173 -9.55 22.69 1.23
C LYS B 173 -9.53 23.61 0.01
N GLU B 174 -9.87 24.88 0.22
CA GLU B 174 -9.89 25.83 -0.88
C GLU B 174 -8.49 26.00 -1.49
N LEU B 175 -7.47 25.97 -0.64
CA LEU B 175 -6.09 26.10 -1.11
C LEU B 175 -5.66 24.80 -1.80
N ARG B 176 -6.27 23.70 -1.38
CA ARG B 176 -5.98 22.38 -1.94
C ARG B 176 -6.46 22.35 -3.39
N LYS B 177 -7.70 22.78 -3.60
CA LYS B 177 -8.28 22.80 -4.95
C LYS B 177 -7.52 23.81 -5.79
N MET B 178 -6.81 24.69 -5.10
CA MET B 178 -6.03 25.73 -5.74
C MET B 178 -4.75 25.19 -6.36
N VAL B 179 -4.19 24.13 -5.78
CA VAL B 179 -2.96 23.55 -6.30
C VAL B 179 -3.16 22.14 -6.88
N THR B 180 -4.14 21.41 -6.35
CA THR B 180 -4.41 20.06 -6.82
C THR B 180 -5.90 19.83 -7.08
N SER B 189 3.55 19.21 -7.51
CA SER B 189 2.33 19.67 -8.14
C SER B 189 1.16 19.56 -7.15
N TRP B 190 0.92 18.34 -6.68
CA TRP B 190 -0.14 18.09 -5.70
C TRP B 190 0.43 18.31 -4.31
N GLN B 191 1.75 18.24 -4.22
CA GLN B 191 2.42 18.41 -2.94
C GLN B 191 2.85 19.86 -2.68
N ARG B 192 2.49 20.76 -3.59
CA ARG B 192 2.81 22.18 -3.44
C ARG B 192 1.97 22.70 -2.28
N PHE B 193 0.83 22.04 -2.05
CA PHE B 193 -0.06 22.41 -0.96
C PHE B 193 0.75 22.38 0.31
N TYR B 194 1.62 21.38 0.43
CA TYR B 194 2.45 21.22 1.61
C TYR B 194 3.65 22.17 1.62
N GLN B 195 4.07 22.59 0.42
CA GLN B 195 5.18 23.52 0.32
C GLN B 195 4.65 24.86 0.83
N LEU B 196 3.35 25.04 0.69
CA LEU B 196 2.70 26.27 1.11
C LEU B 196 2.35 26.28 2.58
N THR B 197 1.73 25.22 3.08
CA THR B 197 1.37 25.17 4.49
C THR B 197 2.62 25.14 5.38
N LYS B 198 3.73 24.71 4.78
CA LYS B 198 5.01 24.67 5.46
C LYS B 198 5.52 26.10 5.58
N LEU B 199 5.18 26.92 4.59
CA LEU B 199 5.57 28.32 4.56
C LEU B 199 4.80 29.02 5.67
N LEU B 200 3.50 28.69 5.77
CA LEU B 200 2.62 29.26 6.79
C LEU B 200 3.15 28.99 8.20
N ASP B 201 3.68 27.79 8.43
CA ASP B 201 4.23 27.45 9.75
C ASP B 201 5.48 28.30 10.04
N SER B 202 6.29 28.56 9.01
CA SER B 202 7.49 29.38 9.17
C SER B 202 7.10 30.76 9.73
N MET B 203 5.96 31.28 9.29
CA MET B 203 5.49 32.58 9.75
C MET B 203 5.49 32.67 11.26
N HIS B 204 4.92 31.67 11.92
CA HIS B 204 4.87 31.63 13.37
C HIS B 204 6.23 31.84 14.00
N ASP B 205 7.27 31.32 13.38
CA ASP B 205 8.63 31.49 13.89
C ASP B 205 8.96 32.96 13.88
N LEU B 206 8.89 33.54 12.68
CA LEU B 206 9.19 34.94 12.44
C LEU B 206 8.34 35.96 13.21
N VAL B 207 7.05 35.66 13.36
CA VAL B 207 6.14 36.55 14.05
C VAL B 207 6.41 36.63 15.54
N SER B 208 6.88 35.52 16.11
CA SER B 208 7.21 35.49 17.53
C SER B 208 8.31 36.50 17.79
N ASP B 209 9.34 36.48 16.96
CA ASP B 209 10.44 37.40 17.11
C ASP B 209 10.00 38.86 16.87
N LEU B 210 9.04 39.07 15.98
CA LEU B 210 8.57 40.43 15.69
C LEU B 210 7.77 40.98 16.86
N LEU B 211 6.93 40.12 17.46
CA LEU B 211 6.11 40.50 18.60
C LEU B 211 6.94 40.79 19.85
N GLU B 212 8.04 40.07 20.03
CA GLU B 212 8.89 40.31 21.19
C GLU B 212 9.53 41.68 21.08
N PHE B 213 9.96 42.05 19.87
CA PHE B 213 10.57 43.36 19.69
C PHE B 213 9.50 44.44 19.80
N CYS B 214 8.28 44.10 19.42
CA CYS B 214 7.16 45.04 19.47
C CYS B 214 6.75 45.27 20.92
N PHE B 215 6.58 44.18 21.65
CA PHE B 215 6.18 44.27 23.05
C PHE B 215 7.24 45.00 23.85
N TYR B 216 8.50 44.86 23.43
CA TYR B 216 9.59 45.52 24.11
C TYR B 216 9.53 47.03 23.86
N THR B 217 9.62 47.44 22.59
CA THR B 217 9.58 48.86 22.24
C THR B 217 8.31 49.53 22.74
N PHE B 218 7.28 48.71 22.96
CA PHE B 218 6.00 49.20 23.46
C PHE B 218 6.15 49.41 24.97
N ARG B 219 6.56 48.33 25.65
CA ARG B 219 6.78 48.30 27.09
C ARG B 219 7.63 49.49 27.54
N GLU B 220 8.43 50.03 26.63
CA GLU B 220 9.29 51.16 26.93
C GLU B 220 9.18 52.28 25.91
N SER B 221 8.02 52.40 25.29
CA SER B 221 7.76 53.42 24.28
C SER B 221 8.25 54.84 24.62
N HIS B 222 7.85 55.36 25.79
CA HIS B 222 8.24 56.70 26.18
C HIS B 222 9.74 56.98 26.34
N ALA B 223 10.51 55.98 26.75
CA ALA B 223 11.95 56.17 26.92
C ALA B 223 12.71 55.92 25.62
N LEU B 224 12.02 55.34 24.64
CA LEU B 224 12.64 55.04 23.35
C LEU B 224 12.28 56.07 22.28
N LYS B 225 11.41 57.02 22.63
CA LYS B 225 11.03 58.06 21.69
C LYS B 225 10.27 57.49 20.49
N VAL B 226 9.69 56.30 20.66
CA VAL B 226 8.93 55.67 19.59
C VAL B 226 7.50 55.44 20.07
N GLU B 227 6.56 56.26 19.60
CA GLU B 227 5.18 56.12 20.03
C GLU B 227 4.36 55.19 19.13
N PHE B 228 3.18 54.82 19.61
CA PHE B 228 2.29 53.91 18.88
C PHE B 228 0.90 54.50 18.70
N PRO B 229 0.26 54.26 17.55
CA PRO B 229 -1.08 54.80 17.32
C PRO B 229 -2.04 54.17 18.34
N ALA B 230 -3.21 54.79 18.53
CA ALA B 230 -4.17 54.28 19.48
C ALA B 230 -4.67 52.89 19.06
N MET B 231 -4.68 52.64 17.76
CA MET B 231 -5.11 51.36 17.22
C MET B 231 -4.17 50.26 17.70
N LEU B 232 -2.88 50.46 17.54
CA LEU B 232 -1.91 49.48 17.97
C LEU B 232 -1.83 49.36 19.49
N VAL B 233 -1.89 50.49 20.17
CA VAL B 233 -1.84 50.49 21.62
C VAL B 233 -2.99 49.66 22.16
N GLU B 234 -4.14 49.72 21.49
CA GLU B 234 -5.29 48.93 21.91
C GLU B 234 -4.97 47.47 21.64
N ILE B 235 -4.58 47.18 20.41
CA ILE B 235 -4.25 45.82 19.98
C ILE B 235 -3.28 45.13 20.94
N ILE B 236 -2.09 45.69 21.05
CA ILE B 236 -1.05 45.16 21.90
C ILE B 236 -1.52 45.01 23.35
N SER B 237 -2.15 46.05 23.89
CA SER B 237 -2.62 45.99 25.27
C SER B 237 -3.46 44.74 25.53
N ASP B 238 -4.50 44.54 24.74
CA ASP B 238 -5.38 43.38 24.89
C ASP B 238 -4.70 42.07 24.50
N GLN B 239 -3.75 42.14 23.58
CA GLN B 239 -3.05 40.96 23.11
C GLN B 239 -2.13 40.35 24.17
N LEU B 240 -1.36 41.18 24.87
CA LEU B 240 -0.46 40.67 25.90
C LEU B 240 -1.12 39.69 26.87
N PRO B 241 -2.30 40.06 27.42
CA PRO B 241 -3.03 39.20 28.36
C PRO B 241 -3.36 37.82 27.79
N LYS B 242 -3.53 37.74 26.48
CA LYS B 242 -3.84 36.48 25.85
C LYS B 242 -2.65 35.85 25.14
N VAL B 243 -1.45 36.38 25.39
CA VAL B 243 -0.23 35.86 24.78
C VAL B 243 0.91 35.64 25.77
N GLU B 244 1.50 36.75 26.20
CA GLU B 244 2.62 36.80 27.14
C GLU B 244 2.88 35.49 27.91
N SER B 245 1.84 34.98 28.56
CA SER B 245 1.95 33.73 29.32
C SER B 245 2.08 32.59 28.31
N GLY B 246 1.17 31.63 28.40
CA GLY B 246 1.19 30.51 27.47
C GLY B 246 -0.26 30.29 27.10
N ASN B 247 -1.00 31.40 27.04
CA ASN B 247 -2.42 31.36 26.72
C ASN B 247 -2.69 31.27 25.23
N ALA B 248 -1.71 31.72 24.42
CA ALA B 248 -1.87 31.65 22.98
C ALA B 248 -1.66 30.19 22.58
N LYS B 249 -2.27 29.78 21.48
CA LYS B 249 -2.11 28.41 21.01
C LYS B 249 -1.94 28.38 19.51
N PRO B 250 -0.69 28.49 19.03
CA PRO B 250 -0.41 28.46 17.60
C PRO B 250 -0.87 27.15 16.97
N LEU B 251 -1.41 27.24 15.76
CA LEU B 251 -1.89 26.06 15.05
C LEU B 251 -1.01 25.78 13.83
N TYR B 252 -0.24 24.71 13.90
CA TYR B 252 0.68 24.33 12.83
C TYR B 252 0.06 23.33 11.85
N PHE B 253 0.58 23.28 10.64
CA PHE B 253 0.09 22.36 9.64
C PHE B 253 0.98 21.12 9.63
N HIS B 254 2.20 21.30 10.12
CA HIS B 254 3.20 20.23 10.15
C HIS B 254 3.80 20.04 11.55
N SER C 9 -56.57 -24.56 -27.39
CA SER C 9 -57.27 -23.65 -26.43
C SER C 9 -56.48 -23.49 -25.14
N PRO C 10 -55.98 -24.61 -24.56
CA PRO C 10 -55.22 -24.52 -23.31
C PRO C 10 -53.89 -23.80 -23.55
N VAL C 11 -53.18 -24.26 -24.57
CA VAL C 11 -51.89 -23.68 -24.95
C VAL C 11 -52.07 -22.30 -25.57
N MET C 12 -53.20 -22.14 -26.28
CA MET C 12 -53.50 -20.88 -26.93
C MET C 12 -53.63 -19.76 -25.92
N VAL C 13 -54.30 -20.03 -24.79
CA VAL C 13 -54.48 -19.03 -23.76
C VAL C 13 -53.20 -18.81 -22.94
N LEU C 14 -52.37 -19.85 -22.86
CA LEU C 14 -51.12 -19.75 -22.11
C LEU C 14 -50.21 -18.70 -22.75
N GLU C 15 -50.28 -18.60 -24.08
CA GLU C 15 -49.48 -17.63 -24.81
C GLU C 15 -50.00 -16.22 -24.60
N ASN C 16 -51.32 -16.06 -24.69
CA ASN C 16 -51.92 -14.75 -24.53
C ASN C 16 -51.72 -14.16 -23.13
N ILE C 17 -51.54 -15.02 -22.14
CA ILE C 17 -51.37 -14.58 -20.77
C ILE C 17 -49.90 -14.49 -20.32
N GLU C 18 -48.99 -14.43 -21.28
CA GLU C 18 -47.57 -14.35 -20.95
C GLU C 18 -47.18 -12.92 -20.56
N PRO C 19 -46.66 -12.74 -19.33
CA PRO C 19 -46.24 -11.45 -18.75
C PRO C 19 -45.25 -10.68 -19.62
N GLU C 20 -45.08 -9.40 -19.29
CA GLU C 20 -44.16 -8.52 -20.02
C GLU C 20 -42.77 -8.57 -19.39
N ILE C 21 -41.79 -8.01 -20.07
CA ILE C 21 -40.43 -7.99 -19.54
C ILE C 21 -40.23 -6.86 -18.56
N VAL C 22 -39.81 -7.21 -17.35
CA VAL C 22 -39.58 -6.23 -16.31
C VAL C 22 -38.14 -5.74 -16.35
N TYR C 23 -37.93 -4.48 -15.99
CA TYR C 23 -36.60 -3.90 -15.98
C TYR C 23 -36.01 -4.05 -14.58
N ALA C 24 -34.73 -4.40 -14.51
CA ALA C 24 -34.08 -4.55 -13.23
C ALA C 24 -34.00 -3.20 -12.54
N GLY C 25 -33.75 -2.16 -13.32
CA GLY C 25 -33.62 -0.84 -12.75
C GLY C 25 -32.14 -0.58 -12.53
N TYR C 26 -31.33 -1.06 -13.45
CA TYR C 26 -29.88 -0.91 -13.36
C TYR C 26 -29.46 0.55 -13.50
N ASP C 27 -28.28 0.86 -12.97
CA ASP C 27 -27.76 2.22 -13.01
C ASP C 27 -26.30 2.24 -13.45
N ASP C 32 -20.33 -0.79 -9.08
CA ASP C 32 -20.68 -2.03 -9.74
C ASP C 32 -20.15 -3.23 -8.96
N THR C 33 -20.32 -3.18 -7.65
CA THR C 33 -19.85 -4.25 -6.76
C THR C 33 -20.83 -5.40 -6.65
N ALA C 34 -20.43 -6.46 -5.94
CA ALA C 34 -21.29 -7.61 -5.73
C ALA C 34 -22.44 -7.15 -4.87
N GLU C 35 -22.12 -6.33 -3.88
CA GLU C 35 -23.12 -5.80 -2.97
C GLU C 35 -24.27 -5.20 -3.77
N ASN C 36 -23.96 -4.37 -4.77
CA ASN C 36 -24.99 -3.75 -5.58
C ASN C 36 -25.66 -4.65 -6.61
N LEU C 37 -24.90 -5.55 -7.23
CA LEU C 37 -25.46 -6.48 -8.20
C LEU C 37 -26.51 -7.37 -7.56
N LEU C 38 -26.15 -8.01 -6.45
CA LEU C 38 -27.08 -8.88 -5.75
C LEU C 38 -28.34 -8.16 -5.33
N SER C 39 -28.19 -6.97 -4.77
CA SER C 39 -29.33 -6.17 -4.33
C SER C 39 -30.24 -5.87 -5.52
N THR C 40 -29.61 -5.54 -6.64
CA THR C 40 -30.32 -5.21 -7.86
C THR C 40 -31.14 -6.41 -8.33
N LEU C 41 -30.57 -7.61 -8.15
CA LEU C 41 -31.23 -8.84 -8.55
C LEU C 41 -32.46 -9.14 -7.70
N ASN C 42 -32.35 -8.94 -6.39
CA ASN C 42 -33.48 -9.21 -5.51
C ASN C 42 -34.61 -8.24 -5.85
N ARG C 43 -34.25 -7.02 -6.21
CA ARG C 43 -35.23 -6.00 -6.57
C ARG C 43 -35.98 -6.50 -7.80
N LEU C 44 -35.22 -7.03 -8.75
CA LEU C 44 -35.78 -7.57 -9.98
C LEU C 44 -36.74 -8.70 -9.66
N ALA C 45 -36.32 -9.57 -8.75
CA ALA C 45 -37.10 -10.73 -8.32
C ALA C 45 -38.46 -10.31 -7.77
N GLY C 46 -38.50 -9.16 -7.12
CA GLY C 46 -39.73 -8.65 -6.56
C GLY C 46 -40.61 -8.12 -7.69
N LYS C 47 -40.03 -7.27 -8.51
CA LYS C 47 -40.75 -6.71 -9.64
C LYS C 47 -41.26 -7.88 -10.48
N GLN C 48 -40.38 -8.87 -10.67
CA GLN C 48 -40.72 -10.06 -11.46
C GLN C 48 -41.83 -10.91 -10.85
N MET C 49 -41.78 -11.14 -9.53
CA MET C 49 -42.80 -11.96 -8.87
C MET C 49 -44.18 -11.35 -9.01
N ILE C 50 -44.24 -10.02 -9.10
CA ILE C 50 -45.52 -9.36 -9.26
C ILE C 50 -46.17 -9.84 -10.54
N GLN C 51 -45.38 -9.98 -11.59
CA GLN C 51 -45.88 -10.42 -12.89
C GLN C 51 -46.28 -11.90 -12.88
N VAL C 52 -45.56 -12.71 -12.10
CA VAL C 52 -45.86 -14.13 -12.01
C VAL C 52 -47.30 -14.36 -11.54
N VAL C 53 -47.72 -13.56 -10.56
CA VAL C 53 -49.07 -13.65 -10.02
C VAL C 53 -50.11 -13.24 -11.05
N LYS C 54 -49.79 -12.21 -11.85
CA LYS C 54 -50.72 -11.74 -12.88
C LYS C 54 -50.92 -12.88 -13.87
N TRP C 55 -49.83 -13.60 -14.12
CA TRP C 55 -49.83 -14.74 -15.03
C TRP C 55 -50.68 -15.84 -14.42
N ALA C 56 -50.27 -16.32 -13.26
CA ALA C 56 -50.97 -17.39 -12.56
C ALA C 56 -52.45 -17.06 -12.35
N LYS C 57 -52.76 -15.76 -12.34
CA LYS C 57 -54.12 -15.24 -12.13
C LYS C 57 -55.11 -15.67 -13.21
N VAL C 58 -54.63 -15.88 -14.43
CA VAL C 58 -55.50 -16.28 -15.53
C VAL C 58 -55.05 -17.60 -16.12
N LEU C 59 -54.38 -18.38 -15.29
CA LEU C 59 -53.86 -19.68 -15.70
C LEU C 59 -54.98 -20.72 -15.61
N PRO C 60 -55.27 -21.40 -16.72
CA PRO C 60 -56.32 -22.43 -16.73
C PRO C 60 -56.15 -23.45 -15.60
N GLY C 61 -57.26 -23.80 -14.96
CA GLY C 61 -57.23 -24.76 -13.87
C GLY C 61 -56.73 -24.19 -12.56
N PHE C 62 -55.48 -23.71 -12.60
CA PHE C 62 -54.83 -23.12 -11.44
C PHE C 62 -55.64 -21.99 -10.83
N LYS C 63 -56.16 -21.11 -11.67
CA LYS C 63 -56.94 -19.98 -11.19
C LYS C 63 -58.15 -20.41 -10.36
N ASN C 64 -58.74 -21.54 -10.71
CA ASN C 64 -59.92 -22.03 -10.01
C ASN C 64 -59.64 -22.81 -8.73
N LEU C 65 -58.38 -22.84 -8.31
CA LEU C 65 -58.04 -23.53 -7.07
C LEU C 65 -58.24 -22.54 -5.94
N PRO C 66 -58.45 -23.04 -4.71
CA PRO C 66 -58.65 -22.07 -3.63
C PRO C 66 -57.43 -21.17 -3.54
N LEU C 67 -57.66 -19.90 -3.22
CA LEU C 67 -56.61 -18.90 -3.11
C LEU C 67 -55.44 -19.39 -2.28
N GLU C 68 -55.73 -19.94 -1.09
CA GLU C 68 -54.70 -20.45 -0.22
C GLU C 68 -53.71 -21.27 -1.04
N ASP C 69 -54.22 -22.32 -1.68
CA ASP C 69 -53.39 -23.20 -2.50
C ASP C 69 -52.62 -22.43 -3.57
N GLN C 70 -53.28 -21.47 -4.22
CA GLN C 70 -52.63 -20.69 -5.26
C GLN C 70 -51.36 -20.00 -4.77
N ILE C 71 -51.47 -19.17 -3.73
CA ILE C 71 -50.30 -18.47 -3.21
C ILE C 71 -49.26 -19.44 -2.65
N THR C 72 -49.72 -20.51 -2.03
CA THR C 72 -48.82 -21.52 -1.47
C THR C 72 -48.00 -22.16 -2.59
N LEU C 73 -48.61 -22.34 -3.75
CA LEU C 73 -47.92 -22.93 -4.89
C LEU C 73 -46.94 -21.93 -5.47
N ILE C 74 -47.29 -20.66 -5.42
CA ILE C 74 -46.43 -19.62 -5.97
C ILE C 74 -45.17 -19.44 -5.11
N GLN C 75 -45.36 -19.40 -3.80
CA GLN C 75 -44.25 -19.21 -2.88
C GLN C 75 -43.29 -20.40 -2.88
N TYR C 76 -43.83 -21.58 -3.09
CA TYR C 76 -43.02 -22.79 -3.13
C TYR C 76 -42.19 -22.96 -4.41
N SER C 77 -42.59 -22.31 -5.50
CA SER C 77 -41.84 -22.46 -6.74
C SER C 77 -41.22 -21.19 -7.31
N TRP C 78 -41.33 -20.08 -6.59
CA TRP C 78 -40.80 -18.80 -7.08
C TRP C 78 -39.38 -18.89 -7.65
N MET C 79 -38.52 -19.70 -7.03
CA MET C 79 -37.14 -19.82 -7.52
C MET C 79 -37.06 -20.66 -8.79
N CYS C 80 -37.91 -21.68 -8.88
CA CYS C 80 -37.95 -22.56 -10.04
C CYS C 80 -38.41 -21.76 -11.26
N LEU C 81 -39.42 -20.92 -11.04
CA LEU C 81 -39.98 -20.07 -12.09
C LEU C 81 -39.04 -18.96 -12.54
N SER C 82 -38.31 -18.40 -11.59
CA SER C 82 -37.36 -17.34 -11.88
C SER C 82 -36.19 -17.88 -12.67
N SER C 83 -35.59 -18.95 -12.18
CA SER C 83 -34.46 -19.55 -12.88
C SER C 83 -34.84 -19.96 -14.29
N PHE C 84 -35.94 -20.69 -14.40
CA PHE C 84 -36.44 -21.18 -15.66
C PHE C 84 -36.68 -20.06 -16.65
N ALA C 85 -37.43 -19.04 -16.23
CA ALA C 85 -37.72 -17.91 -17.11
C ALA C 85 -36.43 -17.18 -17.51
N LEU C 86 -35.51 -17.01 -16.56
CA LEU C 86 -34.25 -16.33 -16.86
C LEU C 86 -33.48 -17.11 -17.94
N SER C 87 -33.58 -18.43 -17.87
CA SER C 87 -32.90 -19.29 -18.83
C SER C 87 -33.53 -19.20 -20.22
N TRP C 88 -34.84 -18.99 -20.26
CA TRP C 88 -35.57 -18.85 -21.52
C TRP C 88 -35.27 -17.53 -22.20
N ARG C 89 -35.20 -16.44 -21.42
CA ARG C 89 -34.90 -15.13 -22.00
C ARG C 89 -33.47 -15.12 -22.55
N SER C 90 -32.56 -15.77 -21.84
CA SER C 90 -31.18 -15.84 -22.25
C SER C 90 -31.14 -16.48 -23.64
N TYR C 91 -31.97 -17.51 -23.79
CA TYR C 91 -32.09 -18.29 -25.01
C TYR C 91 -32.56 -17.52 -26.25
N LYS C 92 -33.73 -16.92 -26.17
CA LYS C 92 -34.29 -16.21 -27.31
C LYS C 92 -33.71 -14.84 -27.63
N HIS C 93 -33.03 -14.22 -26.67
CA HIS C 93 -32.46 -12.89 -26.87
C HIS C 93 -30.95 -12.81 -27.07
N THR C 94 -30.23 -13.88 -26.73
CA THR C 94 -28.77 -13.86 -26.88
C THR C 94 -28.18 -15.21 -27.27
N ASN C 95 -29.04 -16.13 -27.70
CA ASN C 95 -28.59 -17.47 -28.08
C ASN C 95 -27.93 -18.21 -26.92
N SER C 96 -28.36 -17.87 -25.71
CA SER C 96 -27.86 -18.50 -24.49
C SER C 96 -26.40 -18.19 -24.23
N GLN C 97 -25.86 -17.19 -24.92
CA GLN C 97 -24.47 -16.81 -24.72
C GLN C 97 -24.35 -15.83 -23.57
N PHE C 98 -25.48 -15.45 -22.96
CA PHE C 98 -25.49 -14.51 -21.86
C PHE C 98 -26.71 -14.75 -20.97
N LEU C 99 -26.67 -14.20 -19.76
CA LEU C 99 -27.80 -14.34 -18.84
C LEU C 99 -28.60 -13.05 -18.86
N TYR C 100 -29.66 -13.08 -19.66
CA TYR C 100 -30.56 -11.94 -19.85
C TYR C 100 -31.52 -11.80 -18.67
N PHE C 101 -31.04 -11.24 -17.57
CA PHE C 101 -31.89 -11.06 -16.41
C PHE C 101 -33.02 -10.06 -16.70
N ALA C 102 -32.67 -8.98 -17.39
CA ALA C 102 -33.62 -7.93 -17.75
C ALA C 102 -33.11 -7.18 -18.97
N PRO C 103 -33.97 -6.39 -19.63
CA PRO C 103 -33.53 -5.63 -20.80
C PRO C 103 -32.28 -4.77 -20.53
N ASP C 104 -32.16 -4.27 -19.31
CA ASP C 104 -31.03 -3.41 -18.93
C ASP C 104 -29.97 -4.06 -18.05
N LEU C 105 -29.99 -5.38 -17.93
CA LEU C 105 -28.99 -6.05 -17.11
C LEU C 105 -28.69 -7.43 -17.65
N VAL C 106 -27.85 -7.48 -18.68
CA VAL C 106 -27.49 -8.74 -19.30
C VAL C 106 -26.09 -9.13 -18.79
N PHE C 107 -26.00 -10.29 -18.16
CA PHE C 107 -24.74 -10.76 -17.60
C PHE C 107 -23.81 -11.48 -18.56
N ASN C 108 -22.56 -11.03 -18.63
CA ASN C 108 -21.57 -11.69 -19.47
C ASN C 108 -20.68 -12.45 -18.50
N GLU C 109 -19.76 -13.25 -19.03
CA GLU C 109 -18.87 -14.06 -18.20
C GLU C 109 -18.27 -13.25 -17.05
N GLU C 110 -18.15 -11.94 -17.27
CA GLU C 110 -17.57 -11.04 -16.28
C GLU C 110 -18.53 -10.57 -15.18
N LYS C 111 -19.76 -10.22 -15.57
CA LYS C 111 -20.74 -9.77 -14.60
C LYS C 111 -21.13 -10.90 -13.63
N MET C 112 -21.04 -12.14 -14.11
CA MET C 112 -21.37 -13.27 -13.26
C MET C 112 -20.34 -13.38 -12.14
N HIS C 113 -19.09 -13.09 -12.48
CA HIS C 113 -18.02 -13.12 -11.49
C HIS C 113 -18.20 -11.98 -10.51
N GLN C 114 -18.58 -10.81 -11.03
CA GLN C 114 -18.79 -9.64 -10.19
C GLN C 114 -19.92 -9.82 -9.17
N SER C 115 -20.85 -10.72 -9.46
CA SER C 115 -21.98 -10.96 -8.57
C SER C 115 -21.58 -11.89 -7.43
N ALA C 116 -20.42 -12.54 -7.58
CA ALA C 116 -19.91 -13.47 -6.59
C ALA C 116 -20.95 -14.58 -6.40
N MET C 117 -21.57 -14.95 -7.52
CA MET C 117 -22.59 -15.98 -7.55
C MET C 117 -22.32 -16.82 -8.80
N TYR C 118 -21.13 -16.59 -9.35
CA TYR C 118 -20.63 -17.21 -10.58
C TYR C 118 -21.06 -18.63 -10.97
N GLU C 119 -20.86 -19.60 -10.08
CA GLU C 119 -21.19 -20.98 -10.37
C GLU C 119 -22.69 -21.24 -10.47
N LEU C 120 -23.48 -20.38 -9.83
CA LEU C 120 -24.93 -20.53 -9.88
C LEU C 120 -25.40 -19.96 -11.22
N CYS C 121 -24.71 -18.92 -11.68
CA CYS C 121 -25.02 -18.30 -12.96
C CYS C 121 -24.71 -19.30 -14.05
N GLN C 122 -23.63 -20.04 -13.83
CA GLN C 122 -23.21 -21.07 -14.77
C GLN C 122 -24.26 -22.16 -14.76
N GLY C 123 -24.74 -22.51 -13.57
CA GLY C 123 -25.75 -23.54 -13.43
C GLY C 123 -27.06 -23.21 -14.11
N MET C 124 -27.41 -21.93 -14.16
CA MET C 124 -28.64 -21.52 -14.82
C MET C 124 -28.32 -21.35 -16.29
N HIS C 125 -27.09 -20.97 -16.58
CA HIS C 125 -26.66 -20.80 -17.96
C HIS C 125 -26.59 -22.15 -18.68
N GLN C 126 -26.23 -23.20 -17.95
CA GLN C 126 -26.15 -24.54 -18.54
C GLN C 126 -27.56 -25.02 -18.90
N ILE C 127 -28.56 -24.46 -18.24
CA ILE C 127 -29.95 -24.80 -18.52
C ILE C 127 -30.35 -24.06 -19.80
N SER C 128 -29.70 -22.93 -20.05
CA SER C 128 -29.98 -22.13 -21.24
C SER C 128 -29.40 -22.88 -22.42
N LEU C 129 -28.27 -23.54 -22.18
CA LEU C 129 -27.58 -24.29 -23.23
C LEU C 129 -28.40 -25.51 -23.63
N GLN C 130 -29.08 -26.13 -22.66
CA GLN C 130 -29.89 -27.30 -23.00
C GLN C 130 -31.00 -26.81 -23.93
N PHE C 131 -31.56 -25.65 -23.62
CA PHE C 131 -32.62 -25.04 -24.42
C PHE C 131 -32.26 -24.96 -25.90
N VAL C 132 -31.00 -24.62 -26.17
CA VAL C 132 -30.50 -24.52 -27.53
C VAL C 132 -30.29 -25.92 -28.09
N ARG C 133 -29.66 -26.79 -27.31
CA ARG C 133 -29.40 -28.14 -27.75
C ARG C 133 -30.69 -28.83 -28.13
N LEU C 134 -31.77 -28.48 -27.43
CA LEU C 134 -33.08 -29.06 -27.68
C LEU C 134 -33.95 -28.22 -28.61
N GLN C 135 -33.54 -26.97 -28.87
CA GLN C 135 -34.33 -26.09 -29.73
C GLN C 135 -35.75 -25.96 -29.15
N LEU C 136 -35.80 -25.71 -27.85
CA LEU C 136 -37.05 -25.55 -27.13
C LEU C 136 -37.95 -24.49 -27.75
N THR C 137 -39.22 -24.82 -27.93
CA THR C 137 -40.18 -23.88 -28.51
C THR C 137 -40.97 -23.22 -27.38
N PHE C 138 -41.62 -22.11 -27.70
CA PHE C 138 -42.41 -21.38 -26.73
C PHE C 138 -43.57 -22.22 -26.21
N GLU C 139 -44.21 -22.97 -27.10
CA GLU C 139 -45.33 -23.81 -26.71
C GLU C 139 -44.89 -24.80 -25.63
N GLU C 140 -43.70 -25.36 -25.79
CA GLU C 140 -43.19 -26.32 -24.82
C GLU C 140 -42.79 -25.63 -23.52
N TYR C 141 -42.08 -24.51 -23.64
CA TYR C 141 -41.63 -23.74 -22.49
C TYR C 141 -42.78 -23.33 -21.55
N THR C 142 -43.83 -22.75 -22.11
CA THR C 142 -44.98 -22.31 -21.31
C THR C 142 -45.64 -23.43 -20.52
N ILE C 143 -45.80 -24.60 -21.14
CA ILE C 143 -46.42 -25.71 -20.44
C ILE C 143 -45.47 -26.17 -19.35
N MET C 144 -44.19 -26.24 -19.68
CA MET C 144 -43.17 -26.66 -18.72
C MET C 144 -43.16 -25.72 -17.50
N LYS C 145 -43.45 -24.44 -17.74
CA LYS C 145 -43.46 -23.47 -16.64
C LYS C 145 -44.64 -23.77 -15.72
N VAL C 146 -45.82 -24.03 -16.31
CA VAL C 146 -47.00 -24.36 -15.54
C VAL C 146 -46.67 -25.55 -14.62
N LEU C 147 -46.01 -26.56 -15.19
CA LEU C 147 -45.63 -27.76 -14.45
C LEU C 147 -44.73 -27.47 -13.24
N LEU C 148 -43.73 -26.60 -13.39
CA LEU C 148 -42.83 -26.25 -12.28
C LEU C 148 -43.62 -25.56 -11.16
N LEU C 149 -44.60 -24.76 -11.55
CA LEU C 149 -45.46 -24.04 -10.60
C LEU C 149 -46.27 -25.07 -9.82
N LEU C 150 -46.42 -26.25 -10.40
CA LEU C 150 -47.19 -27.33 -9.76
C LEU C 150 -46.31 -28.42 -9.18
N SER C 151 -45.00 -28.17 -9.03
CA SER C 151 -44.11 -29.22 -8.55
C SER C 151 -43.51 -29.22 -7.15
N THR C 152 -43.78 -28.20 -6.35
CA THR C 152 -43.28 -28.17 -4.98
C THR C 152 -44.51 -27.92 -4.11
N ILE C 153 -44.82 -28.87 -3.23
CA ILE C 153 -45.99 -28.73 -2.38
C ILE C 153 -45.69 -29.12 -0.93
N PRO C 154 -46.54 -28.70 0.00
CA PRO C 154 -46.35 -29.05 1.41
C PRO C 154 -46.31 -30.57 1.48
N LYS C 155 -45.42 -31.10 2.33
CA LYS C 155 -45.26 -32.55 2.49
C LYS C 155 -46.58 -33.27 2.75
N ASP C 156 -47.49 -32.62 3.48
CA ASP C 156 -48.77 -33.23 3.79
C ASP C 156 -49.82 -33.01 2.72
N GLY C 157 -49.51 -32.17 1.74
CA GLY C 157 -50.45 -31.93 0.66
C GLY C 157 -51.16 -30.59 0.66
N LEU C 158 -52.10 -30.43 -0.26
CA LEU C 158 -52.86 -29.21 -0.38
C LEU C 158 -54.32 -29.38 0.04
N LYS C 159 -55.02 -28.26 0.15
CA LYS C 159 -56.41 -28.24 0.55
C LYS C 159 -57.27 -28.96 -0.48
N SER C 160 -56.92 -28.82 -1.75
CA SER C 160 -57.65 -29.49 -2.82
C SER C 160 -56.70 -30.42 -3.58
N GLN C 161 -56.09 -31.33 -2.83
CA GLN C 161 -55.14 -32.28 -3.39
C GLN C 161 -55.61 -32.97 -4.65
N ALA C 162 -56.78 -33.60 -4.59
CA ALA C 162 -57.32 -34.31 -5.74
C ALA C 162 -57.47 -33.39 -6.96
N ALA C 163 -58.17 -32.28 -6.77
CA ALA C 163 -58.38 -31.33 -7.87
C ALA C 163 -57.03 -30.96 -8.45
N PHE C 164 -56.08 -30.70 -7.56
CA PHE C 164 -54.71 -30.34 -7.91
C PHE C 164 -54.03 -31.36 -8.81
N GLU C 165 -54.11 -32.64 -8.42
CA GLU C 165 -53.46 -33.68 -9.20
C GLU C 165 -54.05 -33.87 -10.59
N GLU C 166 -55.38 -33.85 -10.68
CA GLU C 166 -56.02 -34.00 -11.98
C GLU C 166 -55.47 -32.89 -12.88
N MET C 167 -55.40 -31.71 -12.32
CA MET C 167 -54.87 -30.53 -13.00
C MET C 167 -53.44 -30.73 -13.51
N ARG C 168 -52.56 -31.18 -12.62
CA ARG C 168 -51.16 -31.42 -12.96
C ARG C 168 -51.16 -32.50 -14.04
N THR C 169 -51.92 -33.56 -13.79
CA THR C 169 -52.03 -34.67 -14.71
C THR C 169 -52.43 -34.16 -16.09
N ASN C 170 -53.39 -33.25 -16.15
CA ASN C 170 -53.82 -32.72 -17.44
C ASN C 170 -52.77 -31.87 -18.17
N TYR C 171 -51.92 -31.14 -17.43
CA TYR C 171 -50.90 -30.35 -18.10
C TYR C 171 -49.80 -31.26 -18.65
N ILE C 172 -49.55 -32.35 -17.94
CA ILE C 172 -48.56 -33.31 -18.36
C ILE C 172 -49.03 -33.95 -19.67
N LYS C 173 -50.27 -34.44 -19.69
CA LYS C 173 -50.85 -35.07 -20.88
C LYS C 173 -50.78 -34.05 -22.03
N GLU C 174 -51.05 -32.80 -21.67
CA GLU C 174 -51.04 -31.69 -22.61
C GLU C 174 -49.64 -31.51 -23.22
N LEU C 175 -48.60 -31.70 -22.41
CA LEU C 175 -47.23 -31.55 -22.89
C LEU C 175 -46.85 -32.74 -23.77
N ARG C 176 -47.21 -33.94 -23.33
CA ARG C 176 -46.93 -35.17 -24.07
C ARG C 176 -47.62 -35.12 -25.43
N LYS C 177 -48.67 -34.31 -25.52
CA LYS C 177 -49.43 -34.16 -26.76
C LYS C 177 -48.73 -33.20 -27.72
N MET C 178 -48.29 -32.06 -27.21
CA MET C 178 -47.58 -31.08 -28.03
C MET C 178 -46.32 -31.73 -28.57
N VAL C 179 -45.54 -32.29 -27.66
CA VAL C 179 -44.27 -32.95 -27.97
C VAL C 179 -44.39 -34.14 -28.94
N THR C 180 -45.54 -34.81 -28.93
CA THR C 180 -45.75 -35.96 -29.81
C THR C 180 -46.82 -35.67 -30.86
N SER C 189 -39.76 -37.90 -30.51
CA SER C 189 -41.12 -37.40 -30.47
C SER C 189 -41.75 -37.63 -29.11
N TRP C 190 -41.63 -38.86 -28.63
CA TRP C 190 -42.17 -39.22 -27.32
C TRP C 190 -40.97 -39.24 -26.38
N GLN C 191 -39.80 -39.25 -26.99
CA GLN C 191 -38.54 -39.24 -26.24
C GLN C 191 -38.30 -37.77 -25.91
N ARG C 192 -38.85 -36.89 -26.76
CA ARG C 192 -38.71 -35.46 -26.55
C ARG C 192 -39.47 -35.14 -25.29
N PHE C 193 -40.49 -35.94 -25.00
CA PHE C 193 -41.30 -35.77 -23.80
C PHE C 193 -40.50 -36.13 -22.57
N TYR C 194 -39.52 -37.02 -22.76
CA TYR C 194 -38.67 -37.47 -21.67
C TYR C 194 -37.57 -36.46 -21.36
N GLN C 195 -37.01 -35.85 -22.41
CA GLN C 195 -35.94 -34.90 -22.22
C GLN C 195 -36.43 -33.61 -21.56
N LEU C 196 -37.68 -33.25 -21.82
CA LEU C 196 -38.22 -32.04 -21.24
C LEU C 196 -38.61 -32.25 -19.78
N THR C 197 -39.25 -33.38 -19.47
CA THR C 197 -39.63 -33.66 -18.08
C THR C 197 -38.40 -34.03 -17.26
N LYS C 198 -37.40 -34.61 -17.92
CA LYS C 198 -36.16 -34.98 -17.23
C LYS C 198 -35.42 -33.69 -16.90
N LEU C 199 -35.48 -32.72 -17.82
CA LEU C 199 -34.83 -31.43 -17.63
C LEU C 199 -35.50 -30.69 -16.48
N LEU C 200 -36.79 -30.96 -16.27
CA LEU C 200 -37.54 -30.32 -15.20
C LEU C 200 -37.20 -30.93 -13.85
N ASP C 201 -36.89 -32.23 -13.83
CA ASP C 201 -36.53 -32.86 -12.57
C ASP C 201 -35.14 -32.37 -12.17
N SER C 202 -34.27 -32.15 -13.14
CA SER C 202 -32.91 -31.68 -12.83
C SER C 202 -32.95 -30.20 -12.47
N MET C 203 -34.14 -29.63 -12.53
CA MET C 203 -34.34 -28.22 -12.21
C MET C 203 -34.26 -28.03 -10.69
N HIS C 204 -34.72 -29.02 -9.94
CA HIS C 204 -34.71 -28.95 -8.47
C HIS C 204 -33.32 -28.98 -7.82
N ASP C 205 -32.39 -29.72 -8.42
CA ASP C 205 -31.03 -29.80 -7.88
C ASP C 205 -30.42 -28.40 -7.88
N LEU C 206 -30.64 -27.70 -8.99
CA LEU C 206 -30.12 -26.35 -9.17
C LEU C 206 -30.79 -25.42 -8.18
N VAL C 207 -32.12 -25.45 -8.19
CA VAL C 207 -32.91 -24.61 -7.31
C VAL C 207 -32.52 -24.84 -5.87
N SER C 208 -32.11 -26.06 -5.55
CA SER C 208 -31.71 -26.37 -4.20
C SER C 208 -30.44 -25.56 -3.93
N ASP C 209 -29.49 -25.61 -4.86
CA ASP C 209 -28.24 -24.88 -4.72
C ASP C 209 -28.50 -23.39 -4.65
N LEU C 210 -29.42 -22.91 -5.48
CA LEU C 210 -29.77 -21.49 -5.50
C LEU C 210 -30.33 -21.07 -4.14
N LEU C 211 -31.23 -21.90 -3.62
CA LEU C 211 -31.87 -21.65 -2.33
C LEU C 211 -30.90 -21.53 -1.16
N GLU C 212 -29.88 -22.39 -1.11
CA GLU C 212 -28.92 -22.31 -0.01
C GLU C 212 -28.27 -20.92 -0.01
N PHE C 213 -27.72 -20.55 -1.15
CA PHE C 213 -27.08 -19.25 -1.31
C PHE C 213 -28.02 -18.12 -0.88
N CYS C 214 -29.28 -18.23 -1.30
CA CYS C 214 -30.29 -17.22 -0.98
C CYS C 214 -30.54 -17.11 0.52
N PHE C 215 -30.89 -18.24 1.14
CA PHE C 215 -31.14 -18.28 2.58
C PHE C 215 -29.93 -17.73 3.32
N TYR C 216 -28.73 -18.04 2.84
CA TYR C 216 -27.50 -17.59 3.47
C TYR C 216 -27.30 -16.08 3.40
N THR C 217 -27.53 -15.49 2.22
CA THR C 217 -27.38 -14.05 2.02
C THR C 217 -28.55 -13.27 2.62
N PHE C 218 -29.62 -13.99 2.94
CA PHE C 218 -30.80 -13.38 3.54
C PHE C 218 -30.62 -13.34 5.05
N ARG C 219 -30.17 -14.45 5.60
CA ARG C 219 -29.96 -14.57 7.04
C ARG C 219 -28.85 -13.63 7.52
N GLU C 220 -27.97 -13.23 6.61
CA GLU C 220 -26.85 -12.34 6.93
C GLU C 220 -26.79 -11.18 5.95
N SER C 221 -27.97 -10.70 5.53
CA SER C 221 -28.07 -9.61 4.57
C SER C 221 -27.57 -8.27 5.11
N HIS C 222 -27.68 -8.07 6.42
CA HIS C 222 -27.23 -6.82 7.04
C HIS C 222 -25.70 -6.77 7.15
N ALA C 223 -25.08 -7.94 7.27
CA ALA C 223 -23.62 -8.02 7.37
C ALA C 223 -22.99 -7.85 6.00
N LEU C 224 -23.58 -8.50 4.99
CA LEU C 224 -23.07 -8.42 3.62
C LEU C 224 -23.63 -7.22 2.88
N LYS C 225 -24.54 -6.50 3.52
CA LYS C 225 -25.15 -5.33 2.90
C LYS C 225 -25.82 -5.75 1.59
N VAL C 226 -26.69 -6.75 1.68
CA VAL C 226 -27.44 -7.24 0.52
C VAL C 226 -28.91 -7.02 0.83
N GLU C 227 -29.53 -6.11 0.09
CA GLU C 227 -30.93 -5.79 0.32
C GLU C 227 -31.91 -6.69 -0.43
N PHE C 228 -33.01 -7.02 0.24
CA PHE C 228 -34.07 -7.87 -0.30
C PHE C 228 -35.39 -7.11 -0.24
N PRO C 229 -36.19 -7.19 -1.32
CA PRO C 229 -37.49 -6.51 -1.39
C PRO C 229 -38.42 -6.99 -0.29
N ALA C 230 -39.46 -6.22 0.00
CA ALA C 230 -40.42 -6.61 1.02
C ALA C 230 -41.18 -7.85 0.54
N MET C 231 -41.17 -8.08 -0.78
CA MET C 231 -41.82 -9.25 -1.36
C MET C 231 -40.95 -10.48 -1.09
N LEU C 232 -39.66 -10.36 -1.38
CA LEU C 232 -38.73 -11.46 -1.16
C LEU C 232 -38.66 -11.78 0.32
N VAL C 233 -38.48 -10.75 1.15
CA VAL C 233 -38.40 -10.93 2.59
C VAL C 233 -39.60 -11.73 3.10
N GLU C 234 -40.80 -11.33 2.69
CA GLU C 234 -42.02 -12.01 3.12
C GLU C 234 -42.05 -13.48 2.75
N ILE C 235 -41.76 -13.78 1.49
CA ILE C 235 -41.79 -15.16 1.00
C ILE C 235 -40.63 -16.02 1.50
N ILE C 236 -39.43 -15.44 1.54
CA ILE C 236 -38.23 -16.16 1.98
C ILE C 236 -38.25 -16.46 3.48
N SER C 237 -38.65 -15.49 4.29
CA SER C 237 -38.68 -15.70 5.72
C SER C 237 -39.73 -16.75 6.08
N ASP C 238 -40.70 -16.91 5.19
CA ASP C 238 -41.79 -17.87 5.39
C ASP C 238 -41.39 -19.25 4.86
N GLN C 239 -40.69 -19.24 3.73
CA GLN C 239 -40.22 -20.45 3.07
C GLN C 239 -39.08 -21.13 3.82
N LEU C 240 -38.08 -20.35 4.21
CA LEU C 240 -36.89 -20.83 4.93
C LEU C 240 -37.15 -21.87 6.02
N PRO C 241 -38.06 -21.61 6.97
CA PRO C 241 -38.29 -22.63 7.99
C PRO C 241 -38.69 -23.98 7.36
N LYS C 242 -39.54 -23.94 6.35
CA LYS C 242 -40.04 -25.14 5.68
C LYS C 242 -39.13 -25.91 4.73
N VAL C 243 -38.14 -25.25 4.12
CA VAL C 243 -37.24 -25.95 3.20
C VAL C 243 -36.24 -26.76 4.01
N GLU C 244 -35.67 -26.14 5.04
CA GLU C 244 -34.70 -26.79 5.91
C GLU C 244 -35.40 -27.83 6.78
N SER C 245 -36.69 -27.60 7.04
CA SER C 245 -37.48 -28.52 7.84
C SER C 245 -37.77 -29.74 6.97
N GLY C 246 -37.53 -29.60 5.68
CA GLY C 246 -37.75 -30.68 4.73
C GLY C 246 -39.18 -30.90 4.27
N ASN C 247 -40.08 -30.01 4.65
CA ASN C 247 -41.47 -30.16 4.27
C ASN C 247 -41.88 -29.57 2.92
N ALA C 248 -40.89 -29.24 2.11
CA ALA C 248 -41.13 -28.72 0.77
C ALA C 248 -40.87 -29.92 -0.13
N LYS C 249 -41.94 -30.65 -0.43
CA LYS C 249 -41.85 -31.86 -1.24
C LYS C 249 -41.83 -31.63 -2.75
N PRO C 250 -40.68 -31.85 -3.40
CA PRO C 250 -40.63 -31.66 -4.85
C PRO C 250 -41.30 -32.86 -5.50
N LEU C 251 -42.03 -32.62 -6.58
CA LEU C 251 -42.72 -33.68 -7.30
C LEU C 251 -41.92 -33.97 -8.56
N TYR C 252 -41.40 -35.20 -8.65
CA TYR C 252 -40.59 -35.63 -9.79
C TYR C 252 -41.38 -36.40 -10.83
N PHE C 253 -40.91 -36.35 -12.08
CA PHE C 253 -41.57 -37.08 -13.15
C PHE C 253 -40.93 -38.46 -13.29
N HIS C 254 -39.62 -38.50 -13.07
CA HIS C 254 -38.87 -39.75 -13.19
C HIS C 254 -38.19 -40.21 -11.90
C1 1CA D . 42.63 -10.71 3.20
C2 1CA D . 41.75 -10.98 1.88
C3 1CA D . 42.44 -12.07 0.95
C4 1CA D . 43.21 -13.21 1.51
C5 1CA D . 43.44 -13.34 2.99
C6 1CA D . 44.18 -14.64 3.55
C7 1CA D . 45.30 -14.31 4.59
C8 1CA D . 44.89 -13.25 5.73
C9 1CA D . 44.24 -11.83 5.03
C10 1CA D . 43.05 -12.12 4.05
C11 1CA D . 43.93 -10.63 6.11
C12 1CA D . 45.08 -10.41 7.10
C13 1CA D . 45.52 -11.81 7.92
C14 1CA D . 46.05 -12.87 6.78
C15 1CA D . 46.80 -14.02 7.56
C16 1CA D . 47.36 -13.33 8.75
C17 1CA D . 46.88 -11.79 8.70
C18 1CA D . 44.24 -12.34 8.82
C19 1CA D . 41.79 -12.67 4.83
C20 1CA D . 46.91 -11.11 10.09
C21 1CA D . 47.13 -9.64 10.20
O3 1CA D . 42.32 -11.96 -0.26
O20 1CA D . 46.67 -11.80 11.15
O21 1CA D . 46.35 -8.98 11.22
C1 1CA E . 4.11 47.93 9.44
C2 1CA E . 3.43 47.67 8.03
C3 1CA E . 4.06 46.50 7.23
C4 1CA E . 4.84 45.42 7.82
C5 1CA E . 5.01 45.34 9.25
C6 1CA E . 5.81 44.15 9.84
C7 1CA E . 6.88 44.56 10.91
C8 1CA E . 6.36 45.55 12.06
C9 1CA E . 5.74 46.96 11.35
C10 1CA E . 4.53 46.62 10.32
C11 1CA E . 5.37 48.08 12.42
C12 1CA E . 6.53 48.35 13.43
C13 1CA E . 6.93 46.94 14.26
C14 1CA E . 7.47 45.90 13.13
C15 1CA E . 8.22 44.73 13.96
C16 1CA E . 8.84 45.51 15.15
C17 1CA E . 8.30 47.01 15.08
C18 1CA E . 5.64 46.41 15.15
C19 1CA E . 3.16 46.08 11.10
C20 1CA E . 8.31 47.80 16.40
C21 1CA E . 8.80 49.16 16.43
O3 1CA E . 3.93 46.53 6.07
O20 1CA E . 7.80 47.33 17.44
O21 1CA E . 8.28 49.98 17.50
C1 1CA F . -33.90 -12.56 -10.25
C2 1CA F . -34.69 -12.53 -11.61
C3 1CA F . -34.14 -13.69 -12.62
C4 1CA F . -33.55 -14.95 -12.16
C5 1CA F . -33.43 -15.23 -10.75
C6 1CA F . -32.89 -16.61 -10.30
C7 1CA F . -31.72 -16.55 -9.24
C8 1CA F . -32.00 -15.63 -8.02
C9 1CA F . -32.40 -14.08 -8.55
C10 1CA F . -33.70 -14.07 -9.57
C11 1CA F . -32.51 -13.03 -7.40
C12 1CA F . -31.26 -13.08 -6.45
C13 1CA F . -31.10 -14.57 -5.74
C14 1CA F . -30.79 -15.55 -6.95
C15 1CA F . -30.20 -16.86 -6.34
C16 1CA F . -29.47 -16.37 -5.17
C17 1CA F . -29.75 -14.83 -5.05
C18 1CA F . -32.44 -14.96 -4.77
C19 1CA F . -35.03 -14.51 -8.88
C20 1CA F . -29.59 -14.26 -3.70
C21 1CA F . -28.80 -13.08 -3.51
O3 1CA F . -34.21 -13.46 -13.77
O20 1CA F . -30.17 -14.82 -2.69
O21 1CA F . -28.86 -12.47 -2.22
#